data_8V08
#
_entry.id   8V08
#
_cell.length_a   88.980
_cell.length_b   88.980
_cell.length_c   273.968
_cell.angle_alpha   90.00
_cell.angle_beta   90.00
_cell.angle_gamma   120.00
#
_symmetry.space_group_name_H-M   'P 31 2 1'
#
loop_
_entity.id
_entity.type
_entity.pdbx_description
1 polymer "5'-3' exonuclease PLD4"
2 polymer "5'-3' exonuclease PLD4"
3 polymer ssDNA
#
loop_
_entity_poly.entity_id
_entity_poly.type
_entity_poly.pdbx_seq_one_letter_code
_entity_poly.pdbx_strand_id
1 'polypeptide(L)'
;HHHHHHGPLVDVASNEQKLISEEDLASMTGGQQMGRDIEGRWGQVQPKDVPRSWEHGSSPAWEPLEAEARQQRDSCQLVL
VESIPQDLPSAAGSPSAQPLGQAWLQLLDTAQESVHVASYYWSLTGPDIGVNDSSSQLGEALLQKLQQLLGRNISLAVAT
SSPTLARTSTDLQVLAARGAHVRQVPMGRLTRGVLHSKFWVVDGRHIYMGSANMDWRSLTQVKELGAVIYNCSHLAQDLE
KTFQTYWVLGVPKAVLPKTWPQNFSSHFNRFQPFHGLFDGVPTTAYFSASPPALCPQGRTRDLEALLAVMGSAQEFIYAS
VMEYFPTTRFSHPPRYWPVLDNALRAAAFGKGVRVRLLVGCGLNTDPTMFPYLRSLQALSNPAANVSVDVKVFIVPVGNH
SNIPFSRVN(NEP)SKFMVTEKAAYIGTSNWSEDYFSSTAGVGLVVTQSPGAQPAGATVQEQLRQLFERDWSSRYAVGLD
GQAPGQDCVWQG
;
A
2 'polypeptide(L)'
;HHHHHHGPLVDVASNEQKLISEEDLASMTGGQQMGRDIEGRWGQVQPKDVPRSWEHGSSPAWEPLEAEARQQRDSCQLVL
VESIPQDLPSAAGSPSAQPLGQAWLQLLDTAQESVHVASYYWSLTGPDIGVNDSSSQLGEALLQKLQQLLGRNISLAVAT
SSPTLARTSTDLQVLAARGAHVRQVPMGRLTRGVLHSKFWVVDGRHIYMGSANMDWRSLTQVKELGAVIYNCSHLAQDLE
KTFQTYWVLGVPKAVLPKTWPQNFSSHFNRFQPFHGLFDGVPTTAYFSASPPALCPQGRTRDLEALLAVMGSAQEFIYAS
VMEYFPTTRFSHPPRYWPVLDNALRAAAFGKGVRVRLLVGCGLNTDPTMFPYLRSLQALSNPAANVSVDVKVFIVPVGNH
SNIPFSRVNHSKFMVTEKAAYIGTSNWSEDYFSSTAGVGLVVTQSPGAQPAGATVQEQLRQLFERDWSSRYAVGLDGQAP
GQDCVWQG
;
B
3 'polydeoxyribonucleotide' (DT)(DT)(DT) C,D
#
# COMPACT_ATOMS: atom_id res chain seq x y z
N CYS A 76 -22.28 -14.49 -32.77
CA CYS A 76 -21.65 -14.21 -31.48
C CYS A 76 -22.51 -13.24 -30.66
N GLN A 77 -23.02 -13.73 -29.54
CA GLN A 77 -23.83 -12.92 -28.63
C GLN A 77 -23.32 -13.09 -27.21
N LEU A 78 -23.44 -12.02 -26.42
CA LEU A 78 -23.13 -12.09 -25.00
C LEU A 78 -24.18 -11.33 -24.22
N VAL A 79 -24.70 -11.95 -23.16
CA VAL A 79 -25.74 -11.38 -22.32
C VAL A 79 -25.28 -11.45 -20.88
N LEU A 80 -25.39 -10.34 -20.17
CA LEU A 80 -25.14 -10.35 -18.73
C LEU A 80 -26.43 -10.74 -18.00
N VAL A 81 -26.28 -11.56 -16.96
CA VAL A 81 -27.41 -12.13 -16.24
C VAL A 81 -27.28 -11.75 -14.78
N GLU A 82 -28.42 -11.47 -14.15
CA GLU A 82 -28.45 -10.98 -12.78
C GLU A 82 -29.56 -11.68 -12.02
N SER A 83 -29.23 -12.18 -10.83
CA SER A 83 -30.21 -12.81 -9.94
C SER A 83 -30.54 -11.85 -8.81
N ILE A 84 -31.82 -11.53 -8.66
CA ILE A 84 -32.33 -10.53 -7.75
C ILE A 84 -33.35 -11.21 -6.84
N PRO A 85 -33.11 -11.25 -5.51
CA PRO A 85 -34.09 -11.88 -4.61
C PRO A 85 -35.34 -11.04 -4.42
N GLN A 86 -36.16 -11.42 -3.45
CA GLN A 86 -37.39 -10.65 -3.12
C GLN A 86 -36.98 -9.25 -2.66
N ASP A 87 -36.60 -8.39 -3.61
CA ASP A 87 -36.24 -6.99 -3.27
C ASP A 87 -36.73 -6.10 -4.40
N LEU A 88 -36.67 -4.78 -4.22
CA LEU A 88 -37.20 -3.87 -5.25
C LEU A 88 -36.09 -2.94 -5.72
N PRO A 89 -35.83 -2.83 -7.04
CA PRO A 89 -34.81 -1.93 -7.56
C PRO A 89 -35.43 -0.62 -8.06
N GLY A 93 -38.57 2.23 -10.93
CA GLY A 93 -38.01 2.25 -12.28
C GLY A 93 -36.51 2.38 -12.29
N SER A 94 -35.82 1.30 -12.63
CA SER A 94 -34.37 1.24 -12.61
C SER A 94 -33.91 0.33 -13.73
N PRO A 95 -32.67 0.49 -14.20
CA PRO A 95 -32.14 -0.46 -15.19
C PRO A 95 -32.05 -1.86 -14.63
N SER A 96 -32.18 -2.85 -15.51
CA SER A 96 -32.21 -4.25 -15.11
C SER A 96 -31.44 -5.10 -16.11
N ALA A 97 -31.13 -6.32 -15.70
CA ALA A 97 -30.43 -7.30 -16.52
C ALA A 97 -31.30 -8.54 -16.68
N GLN A 98 -30.82 -9.46 -17.52
CA GLN A 98 -31.57 -10.68 -17.79
C GLN A 98 -31.61 -11.56 -16.53
N PRO A 99 -32.78 -12.05 -16.14
CA PRO A 99 -32.84 -12.94 -14.96
C PRO A 99 -31.95 -14.16 -15.15
N LEU A 100 -31.30 -14.57 -14.06
CA LEU A 100 -30.32 -15.64 -14.13
C LEU A 100 -30.99 -17.00 -14.27
N GLY A 101 -32.13 -17.21 -13.60
CA GLY A 101 -32.78 -18.51 -13.64
C GLY A 101 -33.28 -18.88 -15.03
N GLN A 102 -33.97 -17.94 -15.69
CA GLN A 102 -34.49 -18.22 -17.02
C GLN A 102 -33.37 -18.37 -18.04
N ALA A 103 -32.32 -17.57 -17.93
CA ALA A 103 -31.19 -17.71 -18.84
C ALA A 103 -30.46 -19.03 -18.61
N TRP A 104 -30.38 -19.48 -17.36
CA TRP A 104 -29.75 -20.76 -17.08
C TRP A 104 -30.58 -21.90 -17.65
N LEU A 105 -31.91 -21.84 -17.48
CA LEU A 105 -32.79 -22.83 -18.09
C LEU A 105 -32.65 -22.85 -19.61
N GLN A 106 -32.68 -21.67 -20.24
CA GLN A 106 -32.24 -21.49 -21.62
C GLN A 106 -30.98 -22.28 -21.96
N LEU A 107 -29.91 -22.07 -21.18
CA LEU A 107 -28.65 -22.75 -21.44
C LEU A 107 -28.82 -24.27 -21.41
N LEU A 108 -29.49 -24.80 -20.40
CA LEU A 108 -29.71 -26.25 -20.37
C LEU A 108 -30.60 -26.72 -21.51
N ASP A 109 -31.45 -25.84 -22.03
CA ASP A 109 -32.30 -26.21 -23.16
C ASP A 109 -31.48 -26.33 -24.43
N THR A 110 -30.62 -25.34 -24.69
CA THR A 110 -29.81 -25.31 -25.90
C THR A 110 -28.84 -26.49 -25.98
N ALA A 111 -28.48 -27.06 -24.84
CA ALA A 111 -27.52 -28.15 -24.80
C ALA A 111 -27.97 -29.32 -25.66
N GLN A 112 -27.05 -29.86 -26.47
CA GLN A 112 -27.37 -30.98 -27.33
C GLN A 112 -26.40 -32.14 -27.13
N GLU A 113 -25.13 -31.84 -26.83
CA GLU A 113 -24.14 -32.89 -26.67
C GLU A 113 -23.59 -32.97 -25.25
N SER A 114 -23.00 -31.90 -24.71
CA SER A 114 -22.24 -32.03 -23.48
C SER A 114 -22.28 -30.74 -22.67
N VAL A 115 -22.16 -30.89 -21.36
CA VAL A 115 -22.02 -29.78 -20.43
C VAL A 115 -20.88 -30.10 -19.47
N HIS A 116 -20.02 -29.11 -19.21
CA HIS A 116 -18.94 -29.22 -18.25
C HIS A 116 -19.10 -28.12 -17.22
N VAL A 117 -19.14 -28.51 -15.94
CA VAL A 117 -19.51 -27.64 -14.84
C VAL A 117 -18.37 -27.59 -13.83
N ALA A 118 -17.96 -26.39 -13.46
CA ALA A 118 -17.06 -26.17 -12.33
C ALA A 118 -17.81 -25.40 -11.26
N SER A 119 -17.96 -26.00 -10.09
CA SER A 119 -18.80 -25.47 -9.02
C SER A 119 -18.10 -25.63 -7.67
N TYR A 120 -18.29 -24.63 -6.81
CA TYR A 120 -17.78 -24.71 -5.43
C TYR A 120 -18.48 -25.82 -4.66
N TYR A 121 -19.81 -25.83 -4.66
CA TYR A 121 -20.59 -26.85 -3.96
C TYR A 121 -21.82 -27.15 -4.81
N TRP A 122 -22.65 -28.08 -4.31
CA TRP A 122 -23.87 -28.51 -5.01
C TRP A 122 -24.96 -28.66 -3.95
N SER A 123 -25.82 -27.65 -3.81
CA SER A 123 -26.99 -27.71 -2.91
C SER A 123 -28.16 -26.97 -3.54
N LEU A 124 -29.02 -27.69 -4.26
CA LEU A 124 -30.10 -27.03 -4.99
C LEU A 124 -31.49 -27.38 -4.48
N THR A 125 -31.64 -28.49 -3.78
CA THR A 125 -32.94 -28.83 -3.22
C THR A 125 -33.03 -28.32 -1.79
N GLY A 126 -34.26 -28.26 -1.29
CA GLY A 126 -34.51 -27.81 0.06
C GLY A 126 -33.91 -28.76 1.07
N PRO A 127 -34.29 -30.05 0.98
CA PRO A 127 -33.67 -31.08 1.85
C PRO A 127 -32.15 -31.12 1.82
N ASP A 128 -31.51 -30.52 0.80
CA ASP A 128 -30.06 -30.47 0.79
C ASP A 128 -29.52 -29.69 1.99
N ILE A 129 -30.29 -28.71 2.49
CA ILE A 129 -29.89 -27.93 3.65
C ILE A 129 -31.01 -27.88 4.67
N GLY A 130 -32.08 -28.61 4.40
CA GLY A 130 -33.14 -28.82 5.38
C GLY A 130 -33.99 -27.63 5.77
N VAL A 131 -34.36 -26.78 4.80
CA VAL A 131 -35.15 -25.58 5.07
C VAL A 131 -36.41 -25.63 4.22
N ASN A 132 -37.56 -25.33 4.84
CA ASN A 132 -38.87 -25.41 4.18
C ASN A 132 -39.26 -24.02 3.68
N ASP A 133 -38.69 -23.64 2.53
CA ASP A 133 -39.06 -22.40 1.87
C ASP A 133 -39.44 -22.69 0.43
N SER A 134 -40.56 -22.11 -0.01
CA SER A 134 -41.03 -22.35 -1.37
C SER A 134 -40.23 -21.59 -2.41
N SER A 135 -39.40 -20.63 -2.00
CA SER A 135 -38.51 -20.00 -2.97
C SER A 135 -37.51 -20.99 -3.50
N SER A 136 -37.37 -22.14 -2.85
CA SER A 136 -36.43 -23.15 -3.31
C SER A 136 -36.92 -23.84 -4.56
N GLN A 137 -38.23 -23.74 -4.86
CA GLN A 137 -38.79 -24.54 -5.95
C GLN A 137 -38.05 -24.28 -7.26
N LEU A 138 -37.85 -23.00 -7.61
CA LEU A 138 -37.13 -22.66 -8.83
C LEU A 138 -35.77 -23.36 -8.88
N GLY A 139 -35.06 -23.38 -7.75
CA GLY A 139 -33.83 -24.12 -7.61
C GLY A 139 -34.03 -25.55 -8.07
N GLU A 140 -34.96 -26.25 -7.41
CA GLU A 140 -35.15 -27.66 -7.75
C GLU A 140 -35.67 -27.81 -9.16
N ALA A 141 -36.38 -26.80 -9.67
CA ALA A 141 -36.78 -26.84 -11.07
C ALA A 141 -35.57 -27.01 -11.97
N LEU A 142 -34.55 -26.16 -11.75
CA LEU A 142 -33.31 -26.33 -12.49
C LEU A 142 -32.75 -27.71 -12.29
N LEU A 143 -32.75 -28.20 -11.04
CA LEU A 143 -32.24 -29.54 -10.75
C LEU A 143 -32.90 -30.57 -11.66
N GLN A 144 -34.23 -30.49 -11.80
CA GLN A 144 -34.92 -31.47 -12.61
C GLN A 144 -34.45 -31.41 -14.06
N LYS A 145 -34.17 -30.20 -14.55
CA LYS A 145 -33.67 -30.04 -15.90
C LYS A 145 -32.40 -30.85 -16.13
N LEU A 146 -31.51 -30.92 -15.13
CA LEU A 146 -30.32 -31.74 -15.27
C LEU A 146 -30.67 -33.16 -15.71
N GLN A 147 -31.65 -33.77 -15.03
CA GLN A 147 -32.00 -35.14 -15.39
C GLN A 147 -32.45 -35.23 -16.84
N GLN A 148 -33.20 -34.22 -17.31
CA GLN A 148 -33.62 -34.20 -18.71
C GLN A 148 -32.40 -34.27 -19.63
N LEU A 149 -31.39 -33.45 -19.34
CA LEU A 149 -30.18 -33.47 -20.16
C LEU A 149 -29.50 -34.83 -20.09
N LEU A 150 -29.50 -35.46 -18.91
CA LEU A 150 -28.96 -36.79 -18.81
C LEU A 150 -29.92 -37.84 -19.36
N GLY A 151 -31.21 -37.53 -19.44
CA GLY A 151 -32.15 -38.39 -20.13
C GLY A 151 -32.08 -38.30 -21.64
N ARG A 152 -31.55 -37.20 -22.15
CA ARG A 152 -31.36 -36.99 -23.57
C ARG A 152 -30.00 -37.50 -24.06
N ASN A 153 -29.23 -38.14 -23.19
CA ASN A 153 -27.89 -38.64 -23.53
C ASN A 153 -26.97 -37.52 -23.98
N LEU A 156 -24.25 -35.07 -22.04
CA LEU A 156 -23.59 -35.74 -20.89
C LEU A 156 -23.18 -34.68 -19.86
N ALA A 157 -23.21 -35.03 -18.57
CA ALA A 157 -22.90 -34.05 -17.52
C ALA A 157 -21.55 -34.36 -16.90
N VAL A 158 -20.69 -33.35 -16.81
CA VAL A 158 -19.38 -33.51 -16.19
C VAL A 158 -19.22 -32.40 -15.17
N ALA A 159 -18.98 -32.76 -13.92
CA ALA A 159 -18.88 -31.79 -12.84
C ALA A 159 -17.60 -32.02 -12.04
N THR A 160 -17.06 -30.93 -11.50
CA THR A 160 -15.87 -30.95 -10.66
C THR A 160 -16.10 -30.04 -9.47
N SER A 161 -15.80 -30.55 -8.27
CA SER A 161 -16.00 -29.78 -7.05
C SER A 161 -14.71 -29.70 -6.22
N SER A 162 -14.84 -29.20 -5.00
CA SER A 162 -13.73 -28.83 -4.13
C SER A 162 -13.89 -29.50 -2.77
N PRO A 163 -13.00 -29.24 -1.80
CA PRO A 163 -13.34 -29.59 -0.41
C PRO A 163 -14.54 -28.75 0.00
N THR A 164 -15.71 -29.25 -0.39
CA THR A 164 -16.92 -28.48 -0.66
C THR A 164 -17.70 -28.18 0.62
N LEU A 165 -18.62 -27.24 0.49
CA LEU A 165 -19.54 -26.84 1.54
C LEU A 165 -20.90 -27.54 1.37
N ALA A 166 -21.68 -27.51 2.45
CA ALA A 166 -22.99 -28.17 2.51
C ALA A 166 -22.87 -29.65 2.15
N ARG A 167 -22.07 -30.37 2.95
CA ARG A 167 -21.80 -31.77 2.68
C ARG A 167 -23.03 -32.65 2.83
N THR A 168 -24.05 -32.17 3.54
CA THR A 168 -25.29 -32.94 3.70
C THR A 168 -26.02 -33.12 2.36
N SER A 169 -25.79 -32.24 1.39
CA SER A 169 -26.48 -32.33 0.11
C SER A 169 -26.08 -33.59 -0.63
N THR A 170 -27.06 -34.19 -1.30
CA THR A 170 -26.86 -35.43 -2.05
C THR A 170 -27.03 -35.23 -3.55
N ASP A 171 -26.93 -33.99 -4.03
CA ASP A 171 -27.13 -33.72 -5.45
C ASP A 171 -26.10 -34.44 -6.31
N LEU A 172 -24.82 -34.27 -5.99
CA LEU A 172 -23.77 -34.87 -6.80
C LEU A 172 -23.94 -36.39 -6.88
N GLN A 173 -24.37 -37.01 -5.78
CA GLN A 173 -24.66 -38.45 -5.81
C GLN A 173 -25.82 -38.74 -6.76
N VAL A 174 -26.85 -37.90 -6.75
CA VAL A 174 -28.02 -38.12 -7.61
C VAL A 174 -27.61 -38.05 -9.08
N LEU A 175 -26.86 -37.02 -9.46
CA LEU A 175 -26.42 -36.92 -10.86
C LEU A 175 -25.42 -38.01 -11.21
N ALA A 176 -24.59 -38.45 -10.26
CA ALA A 176 -23.61 -39.49 -10.54
C ALA A 176 -24.28 -40.84 -10.77
N ALA A 177 -25.31 -41.16 -9.98
CA ALA A 177 -26.04 -42.41 -10.19
C ALA A 177 -26.82 -42.44 -11.50
N ARG A 178 -26.94 -41.30 -12.17
CA ARG A 178 -27.67 -41.22 -13.43
C ARG A 178 -26.76 -41.01 -14.65
N GLY A 179 -25.47 -40.80 -14.46
CA GLY A 179 -24.57 -40.70 -15.60
C GLY A 179 -23.64 -39.51 -15.63
N ALA A 180 -23.56 -38.75 -14.54
CA ALA A 180 -22.68 -37.59 -14.48
C ALA A 180 -21.32 -37.99 -13.90
N HIS A 181 -20.25 -37.55 -14.55
CA HIS A 181 -18.89 -37.86 -14.14
C HIS A 181 -18.38 -36.78 -13.19
N VAL A 182 -18.14 -37.17 -11.94
CA VAL A 182 -17.74 -36.23 -10.91
C VAL A 182 -16.44 -36.73 -10.27
N ARG A 183 -15.44 -35.85 -10.21
CA ARG A 183 -14.29 -36.02 -9.32
C ARG A 183 -14.10 -34.73 -8.54
N GLN A 184 -13.54 -34.88 -7.34
CA GLN A 184 -13.28 -33.74 -6.46
C GLN A 184 -11.79 -33.46 -6.47
N VAL A 185 -11.43 -32.20 -6.71
CA VAL A 185 -10.04 -31.77 -6.58
C VAL A 185 -9.80 -31.45 -5.11
N PRO A 186 -8.85 -32.12 -4.46
CA PRO A 186 -8.60 -31.84 -3.03
C PRO A 186 -7.71 -30.63 -2.83
N MET A 187 -8.22 -29.47 -3.22
CA MET A 187 -7.40 -28.27 -3.33
C MET A 187 -6.70 -27.91 -2.03
N GLY A 188 -7.28 -28.28 -0.89
CA GLY A 188 -6.59 -28.07 0.37
C GLY A 188 -5.28 -28.83 0.44
N ARG A 189 -5.24 -30.04 -0.14
CA ARG A 189 -4.01 -30.81 -0.18
C ARG A 189 -2.93 -30.10 -1.01
N LEU A 190 -3.31 -29.55 -2.16
CA LEU A 190 -2.31 -29.07 -3.11
C LEU A 190 -1.96 -27.60 -2.92
N THR A 191 -2.95 -26.71 -2.72
CA THR A 191 -2.70 -25.28 -2.76
C THR A 191 -3.36 -24.53 -1.61
N ARG A 192 -3.50 -25.20 -0.46
CA ARG A 192 -4.11 -24.66 0.77
C ARG A 192 -5.60 -24.41 0.59
N GLY A 193 -6.10 -24.54 -0.63
CA GLY A 193 -7.34 -23.88 -0.95
C GLY A 193 -8.55 -24.71 -1.33
N VAL A 194 -9.45 -24.06 -2.08
CA VAL A 194 -10.70 -24.61 -2.55
C VAL A 194 -10.87 -24.21 -4.00
N LEU A 195 -11.76 -24.91 -4.70
CA LEU A 195 -12.15 -24.53 -6.05
C LEU A 195 -13.32 -23.56 -5.92
N HIS A 196 -13.05 -22.27 -6.07
CA HIS A 196 -14.07 -21.24 -5.99
C HIS A 196 -14.64 -20.88 -7.36
N SER A 197 -14.11 -21.47 -8.43
CA SER A 197 -14.59 -21.16 -9.77
C SER A 197 -16.01 -21.68 -9.94
N LYS A 198 -16.80 -20.92 -10.70
CA LYS A 198 -18.19 -21.28 -11.01
C LYS A 198 -18.41 -20.95 -12.48
N PHE A 199 -18.37 -21.96 -13.34
CA PHE A 199 -18.61 -21.71 -14.75
C PHE A 199 -19.09 -22.98 -15.44
N TRP A 200 -19.66 -22.79 -16.62
CA TRP A 200 -20.10 -23.86 -17.50
C TRP A 200 -19.56 -23.65 -18.90
N VAL A 201 -19.17 -24.74 -19.55
CA VAL A 201 -19.00 -24.76 -20.99
C VAL A 201 -19.88 -25.87 -21.54
N VAL A 202 -20.85 -25.50 -22.38
CA VAL A 202 -21.86 -26.41 -22.87
C VAL A 202 -21.72 -26.50 -24.39
N ASP A 203 -21.72 -27.74 -24.89
CA ASP A 203 -21.54 -28.09 -26.30
C ASP A 203 -20.22 -27.59 -26.87
N GLY A 204 -19.30 -27.15 -26.00
CA GLY A 204 -18.05 -26.57 -26.44
C GLY A 204 -18.17 -25.25 -27.17
N ARG A 205 -19.36 -24.65 -27.20
CA ARG A 205 -19.58 -23.42 -27.93
C ARG A 205 -20.38 -22.36 -27.17
N HIS A 206 -21.06 -22.71 -26.09
CA HIS A 206 -21.72 -21.71 -25.25
C HIS A 206 -21.12 -21.77 -23.85
N ILE A 207 -21.06 -20.62 -23.19
CA ILE A 207 -20.45 -20.56 -21.86
C ILE A 207 -21.31 -19.77 -20.89
N TYR A 208 -21.17 -20.11 -19.60
CA TYR A 208 -21.65 -19.31 -18.48
C TYR A 208 -20.50 -19.05 -17.51
N MET A 209 -20.54 -17.83 -16.94
CA MET A 209 -19.58 -17.19 -16.08
C MET A 209 -20.36 -16.54 -14.92
N GLY A 210 -19.98 -16.83 -13.69
CA GLY A 210 -20.56 -15.98 -12.67
C GLY A 210 -20.16 -16.28 -11.25
N SER A 211 -20.75 -15.46 -10.40
CA SER A 211 -20.56 -15.58 -8.99
C SER A 211 -21.56 -16.58 -8.41
N ALA A 212 -22.51 -17.04 -9.22
CA ALA A 212 -23.57 -17.92 -8.74
C ALA A 212 -23.11 -19.36 -8.83
N ASN A 213 -22.81 -19.98 -7.69
CA ASN A 213 -22.48 -21.38 -7.63
C ASN A 213 -23.76 -22.21 -7.54
N MET A 214 -23.60 -23.53 -7.41
CA MET A 214 -24.75 -24.43 -7.39
C MET A 214 -25.53 -24.33 -6.10
N ASP A 215 -26.55 -23.47 -6.08
CA ASP A 215 -27.33 -23.27 -4.87
C ASP A 215 -28.65 -22.63 -5.27
N TRP A 216 -29.76 -23.15 -4.73
CA TRP A 216 -31.05 -22.54 -5.00
C TRP A 216 -31.16 -21.18 -4.34
N ARG A 217 -30.45 -20.97 -3.22
CA ARG A 217 -30.36 -19.62 -2.64
C ARG A 217 -29.75 -18.64 -3.63
N SER A 218 -28.85 -19.11 -4.49
CA SER A 218 -28.28 -18.27 -5.54
C SER A 218 -29.27 -17.94 -6.64
N LEU A 219 -30.44 -18.59 -6.65
CA LEU A 219 -31.46 -18.31 -7.64
C LEU A 219 -32.56 -17.37 -7.15
N THR A 220 -32.82 -17.34 -5.84
CA THR A 220 -33.94 -16.57 -5.33
C THR A 220 -33.65 -15.75 -4.07
N GLN A 221 -32.54 -15.96 -3.37
CA GLN A 221 -32.37 -15.31 -2.08
C GLN A 221 -30.97 -14.73 -1.88
N VAL A 222 -30.27 -14.41 -2.98
CA VAL A 222 -29.00 -13.69 -2.87
C VAL A 222 -28.74 -12.97 -4.19
N LYS A 223 -28.20 -11.76 -4.09
CA LYS A 223 -27.83 -11.00 -5.27
C LYS A 223 -26.68 -11.67 -6.00
N GLU A 224 -26.85 -11.94 -7.30
CA GLU A 224 -25.79 -12.57 -8.07
C GLU A 224 -25.65 -11.87 -9.42
N LEU A 225 -24.43 -11.86 -9.95
CA LEU A 225 -24.15 -11.32 -11.27
C LEU A 225 -23.26 -12.29 -12.05
N GLY A 226 -23.51 -12.38 -13.36
CA GLY A 226 -22.70 -13.22 -14.22
C GLY A 226 -22.90 -12.81 -15.67
N ALA A 227 -22.29 -13.58 -16.56
CA ALA A 227 -22.38 -13.35 -17.99
C ALA A 227 -22.38 -14.68 -18.73
N VAL A 228 -23.17 -14.75 -19.81
CA VAL A 228 -23.31 -15.93 -20.64
C VAL A 228 -23.03 -15.53 -22.07
N ILE A 229 -22.42 -16.44 -22.82
CA ILE A 229 -21.99 -16.17 -24.18
C ILE A 229 -22.46 -17.31 -25.08
N TYR A 230 -22.98 -16.95 -26.26
CA TYR A 230 -23.46 -17.91 -27.25
C TYR A 230 -22.78 -17.65 -28.59
N ASN A 231 -22.64 -18.71 -29.37
CA ASN A 231 -22.18 -18.65 -30.76
C ASN A 231 -20.78 -18.07 -30.90
N CYS A 232 -20.13 -17.76 -29.79
CA CYS A 232 -18.72 -17.35 -29.77
C CYS A 232 -17.95 -18.52 -29.15
N SER A 233 -17.61 -19.49 -30.00
CA SER A 233 -17.02 -20.74 -29.53
C SER A 233 -15.53 -20.64 -29.25
N HIS A 234 -14.83 -19.71 -29.90
CA HIS A 234 -13.38 -19.66 -29.80
C HIS A 234 -12.90 -19.31 -28.39
N LEU A 235 -13.77 -18.82 -27.52
CA LEU A 235 -13.43 -18.67 -26.12
C LEU A 235 -13.90 -19.85 -25.27
N ALA A 236 -14.83 -20.64 -25.77
CA ALA A 236 -15.35 -21.76 -24.99
C ALA A 236 -14.29 -22.81 -24.73
N GLN A 237 -13.46 -23.12 -25.73
CA GLN A 237 -12.38 -24.06 -25.50
C GLN A 237 -11.30 -23.46 -24.62
N ASP A 238 -11.19 -22.13 -24.56
CA ASP A 238 -10.19 -21.53 -23.70
C ASP A 238 -10.55 -21.73 -22.23
N LEU A 239 -11.86 -21.79 -21.93
CA LEU A 239 -12.31 -22.16 -20.60
C LEU A 239 -12.33 -23.67 -20.42
N GLU A 240 -12.47 -24.41 -21.52
CA GLU A 240 -12.37 -25.86 -21.43
C GLU A 240 -10.96 -26.29 -21.05
N LYS A 241 -9.96 -25.49 -21.40
CA LYS A 241 -8.59 -25.78 -20.96
C LYS A 241 -8.48 -25.75 -19.44
N THR A 242 -9.02 -24.71 -18.80
CA THR A 242 -9.00 -24.64 -17.34
C THR A 242 -9.87 -25.73 -16.73
N PHE A 243 -11.02 -26.02 -17.35
CA PHE A 243 -11.84 -27.13 -16.86
C PHE A 243 -11.07 -28.44 -16.92
N GLN A 244 -10.30 -28.66 -17.99
CA GLN A 244 -9.55 -29.89 -18.12
C GLN A 244 -8.37 -29.94 -17.16
N THR A 245 -7.78 -28.78 -16.83
CA THR A 245 -6.83 -28.75 -15.73
C THR A 245 -7.48 -29.26 -14.45
N TYR A 246 -8.64 -28.71 -14.10
CA TYR A 246 -9.38 -29.21 -12.95
C TYR A 246 -9.65 -30.71 -13.08
N TRP A 247 -10.01 -31.14 -14.28
CA TRP A 247 -10.32 -32.53 -14.53
C TRP A 247 -9.12 -33.43 -14.23
N VAL A 248 -7.96 -33.07 -14.77
CA VAL A 248 -6.77 -33.91 -14.62
C VAL A 248 -6.28 -33.91 -13.17
N LEU A 249 -6.38 -32.77 -12.48
CA LEU A 249 -6.08 -32.84 -11.05
C LEU A 249 -7.18 -33.54 -10.25
N GLY A 250 -8.33 -33.82 -10.85
CA GLY A 250 -9.37 -34.53 -10.15
C GLY A 250 -9.15 -36.02 -10.00
N VAL A 251 -8.15 -36.57 -10.69
CA VAL A 251 -7.79 -37.98 -10.58
C VAL A 251 -7.27 -38.24 -9.17
N PRO A 252 -7.41 -39.46 -8.63
CA PRO A 252 -6.85 -39.75 -7.32
C PRO A 252 -5.34 -39.57 -7.28
N LYS A 253 -4.83 -39.25 -6.08
CA LYS A 253 -3.43 -38.93 -5.79
C LYS A 253 -2.81 -38.08 -6.90
N ALA A 254 -3.55 -37.08 -7.38
CA ALA A 254 -3.04 -36.17 -8.38
C ALA A 254 -2.06 -35.18 -7.75
N VAL A 255 -1.06 -34.79 -8.54
CA VAL A 255 -0.04 -33.86 -8.09
C VAL A 255 0.04 -32.72 -9.10
N LEU A 256 0.27 -31.51 -8.60
CA LEU A 256 0.40 -30.35 -9.47
C LEU A 256 1.60 -30.50 -10.38
N PRO A 257 1.43 -30.43 -11.70
CA PRO A 257 2.59 -30.45 -12.61
C PRO A 257 3.27 -29.10 -12.63
N LYS A 258 4.60 -29.10 -12.49
CA LYS A 258 5.35 -27.86 -12.57
C LYS A 258 5.36 -27.27 -13.97
N THR A 259 4.92 -28.04 -14.97
CA THR A 259 4.82 -27.55 -16.35
C THR A 259 3.57 -28.16 -16.97
N TRP A 260 2.66 -27.31 -17.44
CA TRP A 260 1.48 -27.76 -18.16
C TRP A 260 1.82 -27.96 -19.62
N PRO A 261 1.48 -29.11 -20.21
CA PRO A 261 1.82 -29.35 -21.62
C PRO A 261 1.11 -28.38 -22.54
N GLN A 262 1.46 -28.46 -23.84
CA GLN A 262 0.91 -27.57 -24.85
C GLN A 262 -0.59 -27.76 -25.04
N ASN A 263 -1.14 -28.90 -24.60
CA ASN A 263 -2.58 -29.12 -24.68
C ASN A 263 -3.33 -28.08 -23.86
N PHE A 264 -2.85 -27.78 -22.66
CA PHE A 264 -3.50 -26.83 -21.78
C PHE A 264 -3.09 -25.38 -22.04
N SER A 265 -2.08 -25.15 -22.89
CA SER A 265 -1.62 -23.80 -23.16
C SER A 265 -2.69 -22.99 -23.85
N SER A 266 -2.77 -21.70 -23.52
CA SER A 266 -3.77 -20.78 -24.03
C SER A 266 -3.14 -19.80 -25.01
N HIS A 267 -3.93 -19.36 -25.99
CA HIS A 267 -3.47 -18.38 -26.96
C HIS A 267 -4.25 -17.08 -26.92
N PHE A 268 -5.14 -16.90 -25.94
CA PHE A 268 -6.01 -15.72 -25.87
C PHE A 268 -5.84 -15.08 -24.49
N ASN A 269 -4.71 -14.40 -24.29
CA ASN A 269 -4.45 -13.70 -23.04
C ASN A 269 -4.78 -12.22 -23.19
N ARG A 270 -4.38 -11.42 -22.20
CA ARG A 270 -4.67 -10.00 -22.22
C ARG A 270 -3.92 -9.27 -23.34
N PHE A 271 -2.73 -9.77 -23.72
CA PHE A 271 -1.93 -9.09 -24.72
C PHE A 271 -2.54 -9.23 -26.11
N GLN A 272 -3.08 -10.40 -26.43
CA GLN A 272 -3.86 -10.62 -27.65
C GLN A 272 -5.23 -11.15 -27.21
N PRO A 273 -6.20 -10.27 -27.03
CA PRO A 273 -7.54 -10.72 -26.65
C PRO A 273 -8.30 -11.21 -27.89
N PHE A 274 -9.56 -11.56 -27.67
CA PHE A 274 -10.41 -12.04 -28.76
C PHE A 274 -10.85 -10.88 -29.65
N HIS A 275 -11.44 -11.23 -30.79
CA HIS A 275 -11.97 -10.25 -31.72
C HIS A 275 -13.42 -10.57 -32.07
N GLY A 280 -22.69 -9.89 -35.19
CA GLY A 280 -22.93 -10.31 -33.82
C GLY A 280 -22.62 -9.23 -32.81
N VAL A 281 -21.38 -9.23 -32.32
CA VAL A 281 -20.93 -8.23 -31.36
C VAL A 281 -19.56 -7.71 -31.77
N PRO A 282 -19.33 -6.39 -31.79
CA PRO A 282 -18.02 -5.85 -32.17
C PRO A 282 -17.09 -5.68 -30.97
N THR A 283 -16.88 -6.76 -30.23
CA THR A 283 -16.20 -6.71 -28.94
C THR A 283 -14.88 -7.46 -29.00
N THR A 284 -14.08 -7.25 -27.94
CA THR A 284 -12.86 -7.98 -27.69
C THR A 284 -12.87 -8.42 -26.23
N ALA A 285 -12.41 -9.65 -25.98
CA ALA A 285 -12.62 -10.25 -24.67
C ALA A 285 -11.52 -11.25 -24.35
N TYR A 286 -11.36 -11.55 -23.06
CA TYR A 286 -10.51 -12.66 -22.68
C TYR A 286 -10.84 -13.15 -21.27
N PHE A 287 -10.35 -14.34 -20.98
CA PHE A 287 -10.51 -15.05 -19.71
C PHE A 287 -9.21 -15.02 -18.92
N SER A 288 -9.32 -15.28 -17.62
CA SER A 288 -8.18 -15.34 -16.73
C SER A 288 -8.45 -16.40 -15.66
N ALA A 289 -7.38 -17.05 -15.19
CA ALA A 289 -7.49 -18.10 -14.20
C ALA A 289 -6.57 -17.81 -13.02
N SER A 290 -6.82 -18.52 -11.92
CA SER A 290 -6.01 -18.42 -10.71
C SER A 290 -6.19 -19.71 -9.94
N PRO A 291 -5.18 -20.15 -9.18
CA PRO A 291 -3.88 -19.57 -8.88
C PRO A 291 -2.83 -19.81 -9.98
N PRO A 292 -1.63 -19.23 -9.83
CA PRO A 292 -0.60 -19.45 -10.85
C PRO A 292 -0.31 -20.92 -11.14
N ALA A 293 -0.39 -21.79 -10.12
CA ALA A 293 -0.10 -23.20 -10.34
C ALA A 293 -1.07 -23.85 -11.32
N LEU A 294 -2.29 -23.32 -11.41
CA LEU A 294 -3.28 -23.81 -12.36
C LEU A 294 -3.36 -22.95 -13.62
N CYS A 295 -2.35 -22.10 -13.85
CA CYS A 295 -2.34 -21.27 -15.05
C CYS A 295 -1.34 -21.84 -16.04
N PRO A 296 -1.79 -22.44 -17.14
CA PRO A 296 -0.86 -22.92 -18.17
C PRO A 296 -0.28 -21.78 -18.98
N GLN A 297 0.59 -22.09 -19.94
CA GLN A 297 1.20 -21.06 -20.77
C GLN A 297 0.15 -20.29 -21.55
N GLY A 298 0.34 -18.98 -21.64
CA GLY A 298 -0.59 -18.11 -22.33
C GLY A 298 -1.78 -17.64 -21.53
N ARG A 299 -1.91 -18.04 -20.27
CA ARG A 299 -3.03 -17.64 -19.43
C ARG A 299 -2.58 -16.57 -18.44
N THR A 300 -3.22 -15.41 -18.51
CA THR A 300 -3.00 -14.37 -17.50
C THR A 300 -3.74 -14.72 -16.23
N ARG A 301 -3.08 -14.52 -15.08
CA ARG A 301 -3.74 -14.80 -13.82
C ARG A 301 -4.68 -13.66 -13.45
N ASP A 302 -5.71 -14.01 -12.67
CA ASP A 302 -6.76 -13.04 -12.32
C ASP A 302 -6.18 -11.80 -11.66
N LEU A 303 -5.11 -11.95 -10.88
CA LEU A 303 -4.43 -10.81 -10.29
C LEU A 303 -3.98 -9.83 -11.37
N GLU A 304 -3.32 -10.35 -12.41
CA GLU A 304 -2.86 -9.51 -13.51
C GLU A 304 -4.03 -8.91 -14.27
N ALA A 305 -5.11 -9.66 -14.43
CA ALA A 305 -6.29 -9.12 -15.13
C ALA A 305 -6.87 -7.92 -14.37
N LEU A 306 -7.05 -8.06 -13.06
CA LEU A 306 -7.56 -6.95 -12.27
C LEU A 306 -6.61 -5.77 -12.33
N LEU A 307 -5.31 -6.02 -12.17
CA LEU A 307 -4.35 -4.94 -12.18
C LEU A 307 -4.34 -4.21 -13.52
N ALA A 308 -4.43 -4.95 -14.62
CA ALA A 308 -4.45 -4.35 -15.94
C ALA A 308 -5.71 -3.51 -16.15
N VAL A 309 -6.86 -4.00 -15.69
CA VAL A 309 -8.09 -3.24 -15.86
C VAL A 309 -8.02 -1.93 -15.07
N MET A 310 -7.54 -1.98 -13.83
CA MET A 310 -7.43 -0.74 -13.05
C MET A 310 -6.38 0.20 -13.64
N GLY A 311 -5.27 -0.35 -14.15
CA GLY A 311 -4.24 0.50 -14.72
C GLY A 311 -4.70 1.20 -15.98
N SER A 312 -5.47 0.50 -16.82
CA SER A 312 -5.97 1.10 -18.05
C SER A 312 -7.08 2.12 -17.78
N ALA A 313 -7.69 2.08 -16.60
CA ALA A 313 -8.74 3.04 -16.28
C ALA A 313 -8.19 4.46 -16.29
N GLN A 314 -8.98 5.37 -16.85
CA GLN A 314 -8.62 6.77 -16.95
C GLN A 314 -9.64 7.75 -16.39
N GLU A 315 -10.90 7.34 -16.20
CA GLU A 315 -11.88 8.26 -15.62
C GLU A 315 -12.69 7.69 -14.45
N PHE A 316 -12.86 6.38 -14.36
CA PHE A 316 -13.61 5.84 -13.23
C PHE A 316 -13.33 4.35 -13.06
N ILE A 317 -13.66 3.85 -11.87
CA ILE A 317 -13.56 2.44 -11.52
C ILE A 317 -14.75 2.11 -10.62
N TYR A 318 -15.65 1.24 -11.10
CA TYR A 318 -16.70 0.67 -10.27
C TYR A 318 -16.25 -0.71 -9.81
N ALA A 319 -16.19 -0.90 -8.50
CA ALA A 319 -15.81 -2.19 -7.92
C ALA A 319 -16.90 -2.65 -6.97
N SER A 320 -17.35 -3.90 -7.15
CA SER A 320 -18.39 -4.48 -6.29
C SER A 320 -18.01 -5.92 -5.99
N VAL A 321 -17.53 -6.18 -4.78
CA VAL A 321 -17.17 -7.52 -4.32
C VAL A 321 -17.77 -7.72 -2.94
N MET A 322 -18.21 -8.95 -2.66
CA MET A 322 -18.88 -9.21 -1.38
C MET A 322 -17.96 -8.91 -0.21
N GLU A 323 -16.70 -9.35 -0.29
CA GLU A 323 -15.71 -9.05 0.73
C GLU A 323 -14.45 -8.52 0.08
N TYR A 324 -13.79 -7.60 0.77
CA TYR A 324 -12.58 -6.96 0.28
C TYR A 324 -11.58 -6.88 1.43
N PHE A 325 -10.48 -7.61 1.34
CA PHE A 325 -9.48 -7.69 2.39
C PHE A 325 -8.11 -7.43 1.78
N PRO A 326 -7.41 -6.37 2.18
CA PRO A 326 -6.01 -6.20 1.73
C PRO A 326 -5.07 -7.04 2.57
N THR A 327 -5.46 -8.29 2.82
CA THR A 327 -4.79 -9.19 3.74
C THR A 327 -4.99 -10.62 3.24
N THR A 328 -4.17 -11.53 3.75
CA THR A 328 -4.41 -12.93 3.48
C THR A 328 -5.48 -13.48 4.41
N ARG A 329 -6.08 -14.59 3.99
CA ARG A 329 -7.13 -15.26 4.75
CA ARG A 329 -7.13 -15.26 4.75
C ARG A 329 -6.86 -16.75 4.77
N PHE A 330 -7.31 -17.41 5.83
CA PHE A 330 -7.10 -18.84 6.05
C PHE A 330 -5.63 -19.20 5.95
N SER A 331 -4.76 -18.21 6.11
CA SER A 331 -3.31 -18.40 6.07
C SER A 331 -2.77 -18.38 7.49
N HIS A 332 -2.01 -19.42 7.84
CA HIS A 332 -1.61 -19.61 9.25
C HIS A 332 -0.81 -18.43 9.81
N PRO A 333 0.28 -17.97 9.19
CA PRO A 333 0.80 -16.66 9.57
C PRO A 333 0.15 -15.58 8.73
N PRO A 334 -0.63 -14.71 9.36
CA PRO A 334 -1.25 -13.62 8.60
C PRO A 334 -0.25 -12.55 8.22
N ARG A 335 -0.35 -12.08 6.97
CA ARG A 335 0.51 -11.05 6.45
C ARG A 335 -0.32 -10.06 5.67
N TYR A 336 0.16 -8.82 5.60
CA TYR A 336 -0.51 -7.79 4.84
C TYR A 336 -0.38 -8.05 3.33
N TRP A 337 -1.30 -7.49 2.56
CA TRP A 337 -1.34 -7.70 1.12
C TRP A 337 -1.93 -6.49 0.44
N PRO A 338 -1.10 -5.54 0.00
CA PRO A 338 -1.59 -4.25 -0.48
C PRO A 338 -1.81 -4.16 -1.98
N VAL A 339 -1.59 -5.24 -2.74
CA VAL A 339 -1.50 -5.13 -4.20
C VAL A 339 -2.77 -4.51 -4.77
N LEU A 340 -3.94 -5.00 -4.37
CA LEU A 340 -5.14 -4.37 -4.99
C LEU A 340 -5.31 -2.96 -4.41
N ASP A 341 -5.02 -2.80 -3.11
CA ASP A 341 -5.25 -1.50 -2.45
C ASP A 341 -4.35 -0.46 -3.11
N ASN A 342 -3.08 -0.81 -3.29
CA ASN A 342 -2.12 0.14 -3.88
C ASN A 342 -2.64 0.59 -5.23
N ALA A 343 -3.17 -0.34 -6.03
CA ALA A 343 -3.67 0.00 -7.37
C ALA A 343 -4.86 0.94 -7.26
N LEU A 344 -5.78 0.61 -6.36
CA LEU A 344 -6.99 1.44 -6.20
C LEU A 344 -6.56 2.85 -5.84
N ARG A 345 -5.52 2.99 -5.02
CA ARG A 345 -5.12 4.34 -4.56
C ARG A 345 -4.19 4.96 -5.60
N ALA A 346 -3.37 4.14 -6.25
CA ALA A 346 -2.55 4.68 -7.33
C ALA A 346 -3.42 5.19 -8.46
N ALA A 347 -4.48 4.45 -8.82
CA ALA A 347 -5.39 4.93 -9.84
C ALA A 347 -6.08 6.21 -9.39
N ALA A 348 -6.51 6.26 -8.13
CA ALA A 348 -7.21 7.45 -7.63
C ALA A 348 -6.31 8.68 -7.63
N PHE A 349 -5.06 8.52 -7.20
CA PHE A 349 -4.17 9.66 -7.01
C PHE A 349 -3.47 10.05 -8.32
N GLY A 350 -2.71 9.11 -8.90
CA GLY A 350 -1.84 9.47 -10.00
C GLY A 350 -2.56 9.82 -11.28
N LYS A 351 -3.78 9.30 -11.47
CA LYS A 351 -4.54 9.57 -12.67
C LYS A 351 -5.90 10.22 -12.41
N GLY A 352 -6.16 10.63 -11.17
CA GLY A 352 -7.41 11.31 -10.87
C GLY A 352 -8.64 10.45 -11.06
N VAL A 353 -8.47 9.13 -11.14
CA VAL A 353 -9.57 8.24 -11.43
C VAL A 353 -10.57 8.25 -10.28
N ARG A 354 -11.86 8.37 -10.60
CA ARG A 354 -12.91 8.26 -9.59
C ARG A 354 -13.07 6.79 -9.21
N VAL A 355 -13.02 6.51 -7.91
CA VAL A 355 -13.07 5.14 -7.40
C VAL A 355 -14.25 5.02 -6.45
N ARG A 356 -15.09 4.03 -6.70
CA ARG A 356 -16.16 3.64 -5.78
C ARG A 356 -16.09 2.15 -5.54
N LEU A 357 -16.10 1.74 -4.26
CA LEU A 357 -16.01 0.35 -3.87
C LEU A 357 -17.26 -0.03 -3.10
N LEU A 358 -17.97 -1.06 -3.57
CA LEU A 358 -19.20 -1.52 -2.95
C LEU A 358 -18.98 -2.95 -2.44
N VAL A 359 -19.09 -3.13 -1.13
CA VAL A 359 -18.84 -4.42 -0.50
C VAL A 359 -20.12 -4.90 0.16
N GLY A 360 -20.27 -6.21 0.25
CA GLY A 360 -21.47 -6.78 0.83
C GLY A 360 -21.41 -6.82 2.35
N CYS A 361 -22.58 -6.66 2.97
CA CYS A 361 -22.71 -6.69 4.42
C CYS A 361 -23.77 -7.71 4.79
N GLY A 362 -23.39 -8.70 5.61
CA GLY A 362 -24.29 -9.77 5.99
C GLY A 362 -24.11 -10.09 7.46
N LEU A 363 -24.94 -11.04 7.93
CA LEU A 363 -24.85 -11.46 9.32
C LEU A 363 -23.61 -12.28 9.61
N ASN A 364 -22.85 -12.66 8.58
CA ASN A 364 -21.66 -13.48 8.75
C ASN A 364 -20.39 -12.78 8.28
N THR A 365 -20.45 -11.52 7.88
CA THR A 365 -19.27 -10.82 7.42
C THR A 365 -18.33 -10.54 8.59
N ASP A 366 -17.08 -10.20 8.26
CA ASP A 366 -16.07 -9.96 9.27
C ASP A 366 -16.06 -8.49 9.65
N PRO A 367 -16.34 -8.14 10.92
CA PRO A 367 -16.25 -6.72 11.31
C PRO A 367 -14.87 -6.13 11.13
N THR A 368 -13.81 -6.94 11.25
CA THR A 368 -12.45 -6.45 11.09
C THR A 368 -12.22 -5.84 9.71
N MET A 369 -13.07 -6.15 8.74
CA MET A 369 -12.94 -5.55 7.41
C MET A 369 -13.15 -4.04 7.43
N PHE A 370 -13.97 -3.55 8.35
CA PHE A 370 -14.39 -2.15 8.28
C PHE A 370 -13.23 -1.14 8.41
N PRO A 371 -12.27 -1.28 9.33
CA PRO A 371 -11.18 -0.29 9.40
C PRO A 371 -10.45 -0.12 8.07
N TYR A 372 -10.13 -1.23 7.39
CA TYR A 372 -9.43 -1.13 6.12
C TYR A 372 -10.22 -0.31 5.11
N LEU A 373 -11.54 -0.51 5.07
CA LEU A 373 -12.39 0.30 4.20
C LEU A 373 -12.24 1.79 4.53
N ARG A 374 -12.20 2.14 5.81
CA ARG A 374 -11.97 3.53 6.19
C ARG A 374 -10.64 4.01 5.61
N SER A 375 -9.62 3.15 5.64
CA SER A 375 -8.33 3.52 5.06
C SER A 375 -8.47 3.95 3.62
N LEU A 376 -9.39 3.35 2.86
CA LEU A 376 -9.67 3.86 1.52
C LEU A 376 -10.49 5.15 1.59
N GLN A 377 -11.55 5.16 2.40
CA GLN A 377 -12.45 6.31 2.45
C GLN A 377 -11.71 7.57 2.92
N ALA A 378 -10.77 7.40 3.84
CA ALA A 378 -10.00 8.55 4.32
C ALA A 378 -9.16 9.17 3.23
N LEU A 379 -8.89 8.43 2.13
CA LEU A 379 -8.13 9.00 1.03
C LEU A 379 -8.85 10.15 0.35
N SER A 380 -10.18 10.24 0.53
CA SER A 380 -10.98 11.22 -0.22
C SER A 380 -10.53 12.64 0.08
N ASN A 381 -10.28 13.40 -0.98
CA ASN A 381 -9.94 14.81 -0.90
C ASN A 381 -10.29 15.47 -2.23
N PRO A 382 -11.44 16.14 -2.31
CA PRO A 382 -11.83 16.79 -3.58
C PRO A 382 -10.86 17.86 -4.04
N ALA A 383 -10.07 18.44 -3.12
CA ALA A 383 -9.14 19.49 -3.51
C ALA A 383 -7.92 18.96 -4.26
N ALA A 384 -7.67 17.66 -4.23
CA ALA A 384 -6.51 17.07 -4.88
C ALA A 384 -6.89 16.12 -6.02
N ASN A 385 -8.13 16.22 -6.51
CA ASN A 385 -8.62 15.39 -7.61
C ASN A 385 -8.57 13.89 -7.28
N VAL A 386 -8.55 13.54 -6.00
CA VAL A 386 -8.60 12.14 -5.59
C VAL A 386 -10.03 11.84 -5.13
N SER A 387 -10.63 10.82 -5.74
CA SER A 387 -12.02 10.47 -5.51
C SER A 387 -12.09 9.01 -5.10
N VAL A 388 -12.20 8.75 -3.81
CA VAL A 388 -12.36 7.41 -3.27
C VAL A 388 -13.64 7.41 -2.44
N ASP A 389 -14.61 6.61 -2.87
CA ASP A 389 -15.88 6.49 -2.15
C ASP A 389 -16.18 5.02 -1.90
N VAL A 390 -16.67 4.73 -0.70
CA VAL A 390 -17.00 3.36 -0.30
C VAL A 390 -18.41 3.36 0.28
N LYS A 391 -19.20 2.35 -0.08
CA LYS A 391 -20.46 2.07 0.58
C LYS A 391 -20.60 0.56 0.74
N VAL A 392 -21.53 0.17 1.59
CA VAL A 392 -21.79 -1.24 1.88
C VAL A 392 -23.23 -1.57 1.48
N PHE A 393 -23.39 -2.72 0.84
CA PHE A 393 -24.68 -3.19 0.32
C PHE A 393 -25.28 -4.19 1.31
N ILE A 394 -26.33 -3.79 2.00
CA ILE A 394 -27.01 -4.64 2.97
C ILE A 394 -28.43 -4.90 2.49
N VAL A 395 -28.78 -6.18 2.34
CA VAL A 395 -30.14 -6.56 1.96
C VAL A 395 -30.83 -7.13 3.21
N PRO A 396 -32.07 -6.74 3.49
CA PRO A 396 -32.69 -7.11 4.76
C PRO A 396 -33.29 -8.51 4.75
N VAL A 397 -33.10 -9.23 5.85
CA VAL A 397 -33.62 -10.59 6.00
C VAL A 397 -35.10 -10.56 6.29
N GLY A 398 -35.75 -11.72 6.22
CA GLY A 398 -37.17 -11.84 6.50
C GLY A 398 -37.69 -13.26 6.43
N SER A 401 -32.64 -14.92 9.24
CA SER A 401 -33.92 -15.30 8.65
C SER A 401 -34.12 -16.80 8.65
N ASN A 402 -35.19 -17.25 8.00
CA ASN A 402 -35.44 -18.68 7.86
C ASN A 402 -34.33 -19.36 7.05
N ILE A 403 -33.88 -18.72 5.98
CA ILE A 403 -32.90 -19.31 5.06
C ILE A 403 -31.50 -18.96 5.56
N PRO A 404 -30.67 -19.94 5.90
CA PRO A 404 -29.33 -19.64 6.41
C PRO A 404 -28.30 -19.51 5.30
N PHE A 405 -27.26 -18.73 5.60
CA PHE A 405 -26.19 -18.40 4.65
C PHE A 405 -26.75 -17.88 3.33
N SER A 406 -27.54 -16.82 3.43
CA SER A 406 -28.13 -16.18 2.27
C SER A 406 -28.29 -14.69 2.57
N ARG A 407 -29.04 -13.99 1.72
CA ARG A 407 -29.38 -12.59 1.93
C ARG A 407 -28.12 -11.72 2.05
N VAL A 408 -27.35 -11.69 0.97
CA VAL A 408 -26.12 -10.91 0.88
C VAL A 408 -25.94 -10.52 -0.58
N ASN A 409 -24.94 -9.66 -0.85
CA ASN A 409 -24.59 -9.33 -2.22
C ASN A 409 -23.33 -10.10 -2.63
N SER A 411 -22.16 -10.75 -5.53
CA SER A 411 -21.64 -10.40 -6.84
C SER A 411 -20.23 -9.81 -6.74
N LYS A 412 -19.37 -10.16 -7.70
CA LYS A 412 -18.02 -9.62 -7.80
C LYS A 412 -17.76 -9.19 -9.24
N PHE A 413 -17.54 -7.89 -9.43
CA PHE A 413 -17.20 -7.35 -10.74
C PHE A 413 -16.56 -5.98 -10.56
N MET A 414 -16.04 -5.46 -11.67
CA MET A 414 -15.49 -4.11 -11.75
C MET A 414 -15.63 -3.67 -13.21
N VAL A 415 -15.87 -2.39 -13.40
CA VAL A 415 -15.95 -1.82 -14.74
C VAL A 415 -15.33 -0.45 -14.76
N THR A 416 -14.52 -0.19 -15.79
CA THR A 416 -13.99 1.12 -16.10
C THR A 416 -14.51 1.54 -17.47
N GLU A 417 -14.42 2.84 -17.75
CA GLU A 417 -14.99 3.43 -18.95
C GLU A 417 -14.49 2.74 -20.23
N LYS A 418 -13.44 1.93 -20.12
CA LYS A 418 -12.96 1.14 -21.24
C LYS A 418 -13.49 -0.30 -21.22
N ALA A 419 -13.37 -1.00 -20.09
CA ALA A 419 -13.58 -2.44 -20.07
C ALA A 419 -14.44 -2.85 -18.88
N ALA A 420 -14.92 -4.08 -18.92
CA ALA A 420 -15.71 -4.65 -17.84
C ALA A 420 -15.19 -6.03 -17.50
N TYR A 421 -14.70 -6.19 -16.27
CA TYR A 421 -14.30 -7.48 -15.73
C TYR A 421 -15.37 -7.95 -14.78
N ILE A 422 -15.81 -9.19 -14.93
CA ILE A 422 -16.64 -9.83 -13.92
C ILE A 422 -15.93 -11.13 -13.52
N GLY A 423 -15.89 -11.42 -12.22
CA GLY A 423 -15.09 -12.51 -11.70
C GLY A 423 -15.86 -13.34 -10.67
N THR A 424 -15.24 -14.46 -10.29
CA THR A 424 -15.80 -15.37 -9.29
C THR A 424 -15.16 -15.22 -7.91
N SER A 425 -14.04 -14.52 -7.79
CA SER A 425 -13.31 -14.44 -6.53
C SER A 425 -13.47 -13.06 -5.90
N ASN A 426 -13.52 -13.03 -4.58
CA ASN A 426 -13.49 -11.78 -3.85
C ASN A 426 -12.06 -11.22 -3.86
N TRP A 427 -11.88 -10.06 -3.24
CA TRP A 427 -10.60 -9.35 -3.32
C TRP A 427 -9.84 -9.53 -2.00
N SER A 428 -9.13 -10.65 -1.92
CA SER A 428 -8.23 -10.94 -0.82
C SER A 428 -7.14 -11.87 -1.33
N GLU A 429 -6.06 -11.99 -0.56
CA GLU A 429 -4.85 -12.64 -1.08
C GLU A 429 -5.10 -14.10 -1.48
N ASP A 430 -5.90 -14.82 -0.68
CA ASP A 430 -6.08 -16.25 -0.91
C ASP A 430 -6.56 -16.53 -2.32
N TYR A 431 -7.58 -15.79 -2.77
CA TYR A 431 -8.17 -15.98 -4.09
C TYR A 431 -7.17 -15.80 -5.23
N PHE A 432 -5.99 -15.27 -4.96
CA PHE A 432 -4.98 -15.08 -6.01
C PHE A 432 -3.68 -15.82 -5.71
N SER A 433 -3.63 -16.64 -4.66
CA SER A 433 -2.44 -17.43 -4.39
C SER A 433 -2.79 -18.89 -4.11
N SER A 434 -3.97 -19.12 -3.57
CA SER A 434 -4.34 -20.43 -3.07
C SER A 434 -5.62 -20.98 -3.67
N THR A 435 -6.62 -20.15 -3.87
CA THR A 435 -7.96 -20.60 -4.21
C THR A 435 -8.23 -20.40 -5.70
N ALA A 436 -8.87 -21.39 -6.32
CA ALA A 436 -9.16 -21.32 -7.74
C ALA A 436 -10.16 -20.21 -8.02
N GLY A 437 -9.93 -19.51 -9.12
CA GLY A 437 -10.88 -18.51 -9.56
C GLY A 437 -10.69 -18.26 -11.04
N VAL A 438 -11.74 -17.76 -11.68
CA VAL A 438 -11.68 -17.38 -13.09
C VAL A 438 -12.37 -16.03 -13.25
N GLY A 439 -12.04 -15.37 -14.35
CA GLY A 439 -12.51 -14.01 -14.61
C GLY A 439 -12.59 -13.62 -16.08
N LEU A 440 -13.72 -13.05 -16.53
CA LEU A 440 -13.87 -12.58 -17.89
C LEU A 440 -13.75 -11.06 -17.90
N VAL A 441 -13.12 -10.52 -18.93
CA VAL A 441 -13.12 -9.08 -19.14
C VAL A 441 -13.29 -8.78 -20.63
N VAL A 442 -14.24 -7.90 -20.95
CA VAL A 442 -14.59 -7.57 -22.32
C VAL A 442 -14.60 -6.06 -22.47
N THR A 443 -14.36 -5.59 -23.69
CA THR A 443 -14.44 -4.17 -24.00
C THR A 443 -14.83 -4.03 -25.47
N GLN A 444 -15.32 -2.83 -25.81
CA GLN A 444 -15.69 -2.52 -27.19
C GLN A 444 -14.89 -1.31 -27.68
N THR A 454 -20.84 -1.36 -25.45
CA THR A 454 -21.99 -0.93 -24.65
C THR A 454 -22.14 -1.79 -23.40
N VAL A 455 -21.56 -3.00 -23.44
CA VAL A 455 -21.64 -3.90 -22.29
C VAL A 455 -20.92 -3.29 -21.08
N GLN A 456 -19.78 -2.63 -21.31
CA GLN A 456 -19.12 -1.92 -20.22
C GLN A 456 -20.01 -0.81 -19.68
N GLU A 457 -20.68 -0.08 -20.58
CA GLU A 457 -21.63 0.93 -20.13
C GLU A 457 -22.83 0.30 -19.45
N GLN A 458 -23.24 -0.89 -19.91
CA GLN A 458 -24.32 -1.61 -19.27
C GLN A 458 -23.98 -1.90 -17.81
N LEU A 459 -22.77 -2.40 -17.57
CA LEU A 459 -22.34 -2.61 -16.19
C LEU A 459 -22.20 -1.30 -15.45
N ARG A 460 -21.81 -0.22 -16.14
CA ARG A 460 -21.77 1.10 -15.53
C ARG A 460 -23.10 1.47 -14.88
N GLN A 461 -24.19 1.48 -15.65
CA GLN A 461 -25.43 1.90 -15.01
C GLN A 461 -26.02 0.81 -14.11
N LEU A 462 -25.71 -0.47 -14.35
CA LEU A 462 -26.10 -1.48 -13.37
C LEU A 462 -25.50 -1.19 -12.01
N PHE A 463 -24.19 -0.93 -11.97
CA PHE A 463 -23.54 -0.57 -10.71
C PHE A 463 -24.10 0.73 -10.17
N GLU A 464 -24.37 1.70 -11.05
CA GLU A 464 -24.92 2.98 -10.58
C GLU A 464 -26.27 2.77 -9.89
N ARG A 465 -27.11 1.91 -10.47
CA ARG A 465 -28.34 1.52 -9.80
C ARG A 465 -28.03 0.83 -8.49
N ASP A 466 -26.85 0.22 -8.35
CA ASP A 466 -26.60 -0.43 -7.04
C ASP A 466 -25.90 0.54 -6.09
N TRP A 467 -25.11 1.48 -6.64
CA TRP A 467 -24.37 2.45 -5.80
C TRP A 467 -25.33 3.55 -5.40
N SER A 468 -25.73 4.37 -6.38
CA SER A 468 -26.76 5.40 -6.10
C SER A 468 -28.02 4.57 -5.94
N SER A 469 -28.18 3.96 -4.78
CA SER A 469 -29.31 3.01 -4.68
C SER A 469 -30.04 3.11 -3.35
N ARG A 470 -30.75 2.04 -3.05
CA ARG A 470 -31.55 1.96 -1.87
C ARG A 470 -30.89 1.10 -0.79
N TYR A 471 -30.16 0.06 -1.18
CA TYR A 471 -29.54 -0.87 -0.21
C TYR A 471 -28.09 -0.52 0.12
N ALA A 472 -27.54 0.52 -0.49
CA ALA A 472 -26.16 0.93 -0.28
C ALA A 472 -26.10 2.10 0.70
N VAL A 473 -25.32 1.93 1.77
CA VAL A 473 -25.20 2.94 2.82
C VAL A 473 -23.73 3.24 3.06
N GLY A 474 -23.45 4.48 3.45
CA GLY A 474 -22.09 4.90 3.74
C GLY A 474 -21.56 4.33 5.04
N LEU A 475 -20.25 4.50 5.24
CA LEU A 475 -19.58 3.92 6.40
C LEU A 475 -20.02 4.57 7.70
N ASP A 476 -20.29 5.87 7.67
CA ASP A 476 -20.65 6.62 8.87
C ASP A 476 -22.14 6.57 9.17
N GLY A 477 -22.93 5.90 8.34
CA GLY A 477 -24.35 5.78 8.60
C GLY A 477 -24.65 4.73 9.65
N GLN A 478 -24.33 3.48 9.35
CA GLN A 478 -24.57 2.32 10.23
C GLN A 478 -25.89 2.48 10.98
N ALA A 479 -26.96 2.72 10.21
CA ALA A 479 -28.34 2.79 10.67
C ALA A 479 -28.66 1.71 11.70
N PRO A 480 -29.33 2.06 12.79
CA PRO A 480 -29.59 1.08 13.85
C PRO A 480 -30.31 -0.21 13.41
N GLY A 481 -31.22 -0.15 12.44
CA GLY A 481 -32.06 -1.31 12.17
C GLY A 481 -31.70 -2.40 11.16
N GLN A 482 -30.81 -2.14 10.21
CA GLN A 482 -30.47 -3.17 9.23
C GLN A 482 -29.62 -4.27 9.86
N ASP A 483 -29.52 -5.38 9.13
CA ASP A 483 -28.94 -6.62 9.64
C ASP A 483 -27.56 -6.85 9.03
N CYS A 484 -26.59 -6.04 9.48
CA CYS A 484 -25.19 -6.35 9.25
C CYS A 484 -24.41 -6.15 10.55
N VAL A 485 -23.23 -6.77 10.60
CA VAL A 485 -22.34 -6.64 11.74
C VAL A 485 -21.33 -5.53 11.49
N TRP A 486 -21.23 -4.59 12.44
CA TRP A 486 -20.31 -3.48 12.32
C TRP A 486 -19.18 -3.52 13.35
N GLN A 487 -19.37 -4.24 14.45
CA GLN A 487 -18.34 -4.36 15.49
C GLN A 487 -18.16 -5.82 15.90
N CYS B 76 35.08 5.22 22.82
CA CYS B 76 34.03 5.36 21.82
C CYS B 76 32.72 5.80 22.48
N GLN B 77 32.25 6.99 22.14
CA GLN B 77 31.02 7.53 22.69
C GLN B 77 30.12 8.04 21.58
N LEU B 78 28.82 7.90 21.81
CA LEU B 78 27.78 8.44 20.93
C LEU B 78 26.71 9.08 21.81
N VAL B 79 26.34 10.32 21.49
CA VAL B 79 25.37 11.07 22.27
C VAL B 79 24.31 11.63 21.33
N LEU B 80 23.05 11.52 21.76
CA LEU B 80 21.96 12.18 21.05
C LEU B 80 21.85 13.65 21.49
N VAL B 81 21.61 14.52 20.53
CA VAL B 81 21.61 15.96 20.72
C VAL B 81 20.26 16.51 20.29
N GLU B 82 19.79 17.53 21.02
CA GLU B 82 18.45 18.07 20.83
C GLU B 82 18.49 19.59 20.84
N SER B 83 17.84 20.20 19.86
CA SER B 83 17.66 21.65 19.77
C SER B 83 16.23 21.99 20.14
N ILE B 84 16.09 22.81 21.19
CA ILE B 84 14.77 23.13 21.75
C ILE B 84 14.54 24.64 21.77
N PRO B 85 13.62 25.12 20.97
CA PRO B 85 13.22 26.54 21.02
C PRO B 85 12.38 26.89 22.24
N GLN B 86 11.81 28.10 22.22
CA GLN B 86 10.90 28.60 23.23
C GLN B 86 9.87 27.55 23.64
N ASP B 87 9.66 27.45 24.96
CA ASP B 87 8.78 26.51 25.66
C ASP B 87 9.39 25.12 25.73
N LEU B 88 8.57 24.10 25.42
CA LEU B 88 8.91 22.68 25.54
C LEU B 88 9.37 22.33 26.95
N PRO B 89 8.47 22.30 27.95
CA PRO B 89 8.83 21.89 29.30
C PRO B 89 9.17 20.41 29.40
N GLY B 93 8.92 18.30 34.66
CA GLY B 93 9.80 17.16 34.72
C GLY B 93 9.62 16.21 33.56
N SER B 94 10.57 16.20 32.64
CA SER B 94 10.49 15.39 31.43
C SER B 94 11.89 14.94 31.05
N PRO B 95 12.02 13.85 30.30
CA PRO B 95 13.34 13.47 29.80
C PRO B 95 13.88 14.51 28.84
N SER B 96 15.21 14.65 28.81
CA SER B 96 15.85 15.66 28.00
C SER B 96 17.13 15.08 27.39
N ALA B 97 17.64 15.78 26.38
CA ALA B 97 18.87 15.41 25.70
C ALA B 97 19.87 16.56 25.78
N GLN B 98 21.09 16.30 25.34
CA GLN B 98 22.13 17.31 25.36
C GLN B 98 21.84 18.39 24.33
N PRO B 99 21.91 19.68 24.70
CA PRO B 99 21.67 20.74 23.71
C PRO B 99 22.64 20.67 22.54
N LEU B 100 22.11 20.95 21.34
CA LEU B 100 22.89 20.80 20.11
C LEU B 100 23.95 21.89 19.96
N GLY B 101 23.67 23.10 20.43
CA GLY B 101 24.62 24.19 20.27
C GLY B 101 25.94 23.90 20.96
N GLN B 102 25.88 23.38 22.19
CA GLN B 102 27.09 23.03 22.91
C GLN B 102 27.82 21.89 22.20
N ALA B 103 27.08 20.96 21.61
CA ALA B 103 27.72 19.89 20.84
C ALA B 103 28.42 20.42 19.60
N TRP B 104 27.86 21.45 18.96
CA TRP B 104 28.54 22.05 17.83
C TRP B 104 29.79 22.81 18.25
N LEU B 105 29.70 23.56 19.36
CA LEU B 105 30.89 24.20 19.92
C LEU B 105 31.96 23.17 20.25
N GLN B 106 31.57 22.09 20.93
CA GLN B 106 32.28 20.84 21.13
C GLN B 106 33.05 20.38 19.89
N LEU B 107 32.31 20.19 18.79
CA LEU B 107 32.91 19.72 17.54
C LEU B 107 33.97 20.69 17.03
N LEU B 108 33.64 21.97 16.98
CA LEU B 108 34.61 22.95 16.47
C LEU B 108 35.79 23.11 17.43
N ASP B 109 35.60 22.84 18.72
CA ASP B 109 36.70 22.95 19.69
C ASP B 109 37.69 21.80 19.53
N THR B 110 37.18 20.57 19.47
CA THR B 110 38.05 19.41 19.39
C THR B 110 38.85 19.40 18.09
N ALA B 111 38.38 20.08 17.05
CA ALA B 111 39.03 20.07 15.75
C ALA B 111 40.48 20.53 15.86
N GLN B 112 41.38 19.79 15.22
CA GLN B 112 42.80 20.13 15.23
C GLN B 112 43.34 20.23 13.81
N GLU B 113 42.81 19.41 12.89
CA GLU B 113 43.31 19.38 11.52
C GLU B 113 42.27 19.82 10.49
N SER B 114 41.11 19.18 10.43
CA SER B 114 40.21 19.41 9.30
C SER B 114 38.77 19.19 9.71
N VAL B 115 37.87 19.86 8.99
CA VAL B 115 36.42 19.69 9.12
C VAL B 115 35.84 19.50 7.73
N HIS B 116 34.96 18.52 7.57
CA HIS B 116 34.28 18.26 6.31
C HIS B 116 32.77 18.37 6.55
N VAL B 117 32.12 19.20 5.75
CA VAL B 117 30.74 19.63 5.98
C VAL B 117 29.89 19.27 4.77
N ALA B 118 28.77 18.60 5.00
CA ALA B 118 27.72 18.44 4.00
C ALA B 118 26.47 19.14 4.50
N SER B 119 26.00 20.14 3.77
CA SER B 119 24.89 20.96 4.23
C SER B 119 23.96 21.27 3.07
N TYR B 120 22.66 21.23 3.34
CA TYR B 120 21.67 21.60 2.33
C TYR B 120 21.79 23.06 1.96
N TYR B 121 21.77 23.96 2.95
CA TYR B 121 21.86 25.38 2.69
C TYR B 121 22.71 26.02 3.79
N TRP B 122 22.91 27.32 3.68
CA TRP B 122 23.76 28.04 4.67
C TRP B 122 23.12 29.38 5.06
N SER B 123 22.41 29.43 6.18
CA SER B 123 21.87 30.70 6.70
C SER B 123 22.32 30.78 8.14
N LEU B 124 23.55 31.24 8.40
CA LEU B 124 24.10 31.19 9.78
C LEU B 124 24.37 32.57 10.37
N THR B 125 24.56 33.60 9.54
CA THR B 125 24.94 34.89 10.11
C THR B 125 23.78 35.70 10.63
N GLY B 126 22.59 35.56 10.06
CA GLY B 126 21.46 36.39 10.42
C GLY B 126 21.17 37.53 9.46
N PRO B 127 22.16 38.43 9.18
CA PRO B 127 21.92 39.48 8.17
C PRO B 127 21.39 38.98 6.84
N ASP B 128 21.54 37.69 6.55
CA ASP B 128 20.93 37.11 5.36
C ASP B 128 19.41 37.20 5.42
N ILE B 129 18.84 37.22 6.64
CA ILE B 129 17.41 37.28 6.90
C ILE B 129 17.19 38.42 7.90
N GLY B 130 15.93 38.72 8.22
CA GLY B 130 15.63 39.62 9.32
C GLY B 130 16.48 39.32 10.55
N VAL B 131 16.93 40.35 11.27
CA VAL B 131 17.89 40.16 12.35
C VAL B 131 17.39 40.65 13.71
N ASN B 132 16.30 41.40 13.78
CA ASN B 132 15.89 41.96 15.07
C ASN B 132 14.91 41.02 15.76
N ASP B 133 15.48 39.93 16.26
CA ASP B 133 14.77 38.97 17.09
C ASP B 133 15.57 38.70 18.37
N SER B 134 16.89 38.87 18.28
CA SER B 134 17.87 38.66 19.35
C SER B 134 18.07 37.18 19.70
N SER B 135 17.27 36.28 19.12
CA SER B 135 17.48 34.84 19.24
C SER B 135 18.71 34.36 18.47
N SER B 136 19.31 35.21 17.65
CA SER B 136 20.31 34.76 16.69
C SER B 136 21.68 34.40 17.27
N GLN B 137 22.04 34.82 18.49
CA GLN B 137 23.45 34.70 18.91
C GLN B 137 23.96 33.28 18.80
N LEU B 138 23.20 32.31 19.30
CA LEU B 138 23.64 30.92 19.26
C LEU B 138 24.16 30.57 17.88
N GLY B 139 23.52 31.08 16.84
CA GLY B 139 24.08 31.01 15.51
C GLY B 139 25.43 31.66 15.25
N GLU B 140 25.56 33.00 15.28
CA GLU B 140 26.83 33.58 14.84
C GLU B 140 27.97 33.38 15.83
N ALA B 141 27.68 33.16 17.13
CA ALA B 141 28.74 32.75 18.03
C ALA B 141 29.39 31.49 17.46
N LEU B 142 28.54 30.55 17.03
CA LEU B 142 29.01 29.36 16.34
C LEU B 142 29.91 29.75 15.17
N LEU B 143 29.50 30.76 14.39
CA LEU B 143 30.33 31.24 13.28
C LEU B 143 31.75 31.55 13.70
N GLN B 144 31.93 32.23 14.83
CA GLN B 144 33.29 32.58 15.23
C GLN B 144 34.13 31.34 15.43
N LYS B 145 33.53 30.26 15.96
CA LYS B 145 34.26 29.01 16.13
C LYS B 145 34.81 28.52 14.79
N LEU B 146 34.01 28.63 13.71
CA LEU B 146 34.51 28.27 12.40
C LEU B 146 35.82 29.01 12.11
N GLN B 147 35.83 30.32 12.33
CA GLN B 147 37.02 31.12 12.05
C GLN B 147 38.23 30.60 12.83
N GLN B 148 38.00 30.09 14.04
CA GLN B 148 39.09 29.52 14.82
C GLN B 148 39.81 28.45 14.04
N LEU B 149 39.07 27.54 13.40
CA LEU B 149 39.70 26.50 12.60
C LEU B 149 40.47 27.11 11.44
N LEU B 150 39.94 28.18 10.85
CA LEU B 150 40.68 28.89 9.82
C LEU B 150 41.80 29.75 10.40
N GLY B 151 41.71 30.12 11.68
CA GLY B 151 42.83 30.75 12.35
C GLY B 151 43.90 29.78 12.78
N ARG B 152 43.55 28.51 12.97
CA ARG B 152 44.50 27.46 13.29
C ARG B 152 45.05 26.75 12.06
N ASN B 153 44.69 27.21 10.86
CA ASN B 153 45.10 26.60 9.60
C ASN B 153 44.64 25.15 9.53
N LEU B 156 41.24 22.86 7.94
CA LEU B 156 40.71 23.08 6.56
C LEU B 156 39.20 22.83 6.53
N ALA B 157 38.40 23.90 6.55
CA ALA B 157 36.92 23.75 6.47
C ALA B 157 36.57 23.31 5.05
N VAL B 158 35.88 22.17 4.92
CA VAL B 158 35.51 21.66 3.58
C VAL B 158 33.99 21.50 3.53
N ALA B 159 33.31 22.40 2.83
CA ALA B 159 31.86 22.40 2.80
C ALA B 159 31.38 21.99 1.41
N THR B 160 30.18 21.39 1.37
CA THR B 160 29.55 20.99 0.12
C THR B 160 28.08 21.39 0.17
N SER B 161 27.60 22.02 -0.90
CA SER B 161 26.21 22.49 -0.93
C SER B 161 25.45 21.99 -2.15
N SER B 162 24.24 22.51 -2.33
CA SER B 162 23.24 22.03 -3.27
C SER B 162 22.70 23.18 -4.11
N PRO B 163 21.71 22.94 -5.00
CA PRO B 163 20.94 24.06 -5.55
C PRO B 163 20.19 24.75 -4.43
N THR B 164 20.91 25.67 -3.79
CA THR B 164 20.76 26.04 -2.39
C THR B 164 19.58 26.97 -2.16
N LEU B 165 19.16 27.04 -0.90
CA LEU B 165 18.16 27.97 -0.42
C LEU B 165 18.83 29.13 0.30
N ALA B 166 18.09 30.23 0.45
CA ALA B 166 18.61 31.45 1.06
C ALA B 166 19.88 31.91 0.35
N ARG B 167 19.74 32.17 -0.95
CA ARG B 167 20.88 32.53 -1.77
C ARG B 167 21.47 33.89 -1.39
N THR B 168 20.71 34.72 -0.69
CA THR B 168 21.21 36.01 -0.24
C THR B 168 22.36 35.89 0.75
N SER B 169 22.45 34.76 1.45
CA SER B 169 23.48 34.57 2.45
C SER B 169 24.87 34.55 1.83
N THR B 170 25.84 35.14 2.54
CA THR B 170 27.22 35.25 2.08
C THR B 170 28.18 34.45 2.95
N ASP B 171 27.67 33.49 3.72
CA ASP B 171 28.54 32.72 4.62
C ASP B 171 29.57 31.94 3.84
N LEU B 172 29.13 31.17 2.84
CA LEU B 172 30.07 30.37 2.05
C LEU B 172 31.09 31.26 1.35
N GLN B 173 30.65 32.42 0.85
CA GLN B 173 31.60 33.36 0.24
C GLN B 173 32.63 33.85 1.24
N VAL B 174 32.17 34.17 2.46
CA VAL B 174 33.10 34.67 3.49
C VAL B 174 34.11 33.59 3.84
N LEU B 175 33.65 32.36 4.05
CA LEU B 175 34.56 31.28 4.41
C LEU B 175 35.50 30.94 3.25
N ALA B 176 35.04 31.05 2.00
CA ALA B 176 35.90 30.78 0.87
C ALA B 176 36.98 31.85 0.73
N ALA B 177 36.60 33.11 0.92
CA ALA B 177 37.58 34.21 0.92
C ALA B 177 38.46 34.16 2.16
N ARG B 178 38.11 33.35 3.16
CA ARG B 178 38.88 33.24 4.39
C ARG B 178 39.71 31.97 4.48
N GLY B 179 39.53 31.02 3.56
CA GLY B 179 40.37 29.85 3.51
C GLY B 179 39.65 28.51 3.46
N ALA B 180 38.31 28.54 3.33
CA ALA B 180 37.53 27.31 3.24
C ALA B 180 37.33 26.93 1.79
N HIS B 181 37.57 25.65 1.48
CA HIS B 181 37.41 25.14 0.12
C HIS B 181 35.99 24.62 -0.02
N VAL B 182 35.19 25.28 -0.87
CA VAL B 182 33.78 24.95 -1.03
C VAL B 182 33.48 24.71 -2.49
N ARG B 183 32.87 23.56 -2.80
CA ARG B 183 32.18 23.35 -4.06
C ARG B 183 30.78 22.84 -3.76
N GLN B 184 29.83 23.22 -4.61
CA GLN B 184 28.44 22.84 -4.47
C GLN B 184 28.07 21.84 -5.56
N VAL B 185 27.45 20.73 -5.17
CA VAL B 185 26.92 19.79 -6.16
C VAL B 185 25.53 20.24 -6.58
N PRO B 186 25.33 20.54 -7.85
CA PRO B 186 24.00 20.96 -8.33
C PRO B 186 23.11 19.75 -8.62
N MET B 187 22.71 19.06 -7.56
CA MET B 187 22.07 17.74 -7.70
C MET B 187 20.91 17.74 -8.66
N GLY B 188 20.28 18.90 -8.89
CA GLY B 188 19.30 19.00 -9.96
C GLY B 188 19.88 18.68 -11.31
N ARG B 189 21.16 19.01 -11.52
CA ARG B 189 21.85 18.67 -12.76
C ARG B 189 21.87 17.16 -13.00
N LEU B 190 22.12 16.39 -11.93
CA LEU B 190 22.36 14.96 -12.08
C LEU B 190 21.08 14.13 -11.96
N THR B 191 20.25 14.39 -10.95
CA THR B 191 19.10 13.54 -10.68
C THR B 191 17.84 14.34 -10.39
N ARG B 192 17.75 15.57 -10.90
CA ARG B 192 16.61 16.47 -10.75
C ARG B 192 16.44 16.96 -9.32
N GLY B 193 17.27 16.51 -8.37
CA GLY B 193 16.98 16.63 -6.97
C GLY B 193 17.93 17.58 -6.25
N VAL B 194 18.07 17.38 -4.94
CA VAL B 194 18.85 18.27 -4.11
C VAL B 194 19.69 17.47 -3.13
N LEU B 195 20.70 18.13 -2.56
CA LEU B 195 21.49 17.54 -1.48
C LEU B 195 20.83 17.93 -0.17
N HIS B 196 20.08 17.00 0.41
CA HIS B 196 19.43 17.21 1.69
C HIS B 196 20.28 16.73 2.86
N SER B 197 21.44 16.14 2.59
CA SER B 197 22.28 15.62 3.65
C SER B 197 22.86 16.75 4.50
N LYS B 198 22.99 16.49 5.80
CA LYS B 198 23.58 17.44 6.75
C LYS B 198 24.42 16.62 7.72
N PHE B 199 25.74 16.66 7.53
CA PHE B 199 26.61 15.92 8.44
C PHE B 199 27.99 16.55 8.48
N TRP B 200 28.74 16.17 9.52
CA TRP B 200 30.10 16.61 9.75
C TRP B 200 31.00 15.41 9.97
N VAL B 201 32.20 15.47 9.41
CA VAL B 201 33.28 14.61 9.86
C VAL B 201 34.49 15.50 10.17
N VAL B 202 34.93 15.48 11.42
CA VAL B 202 35.95 16.38 11.93
C VAL B 202 37.16 15.58 12.34
N ASP B 203 38.34 15.99 11.86
CA ASP B 203 39.63 15.35 12.10
C ASP B 203 39.67 13.90 11.64
N GLY B 204 38.67 13.46 10.86
CA GLY B 204 38.61 12.06 10.51
C GLY B 204 38.34 11.12 11.65
N ARG B 205 38.00 11.66 12.83
CA ARG B 205 37.83 10.86 14.04
C ARG B 205 36.55 11.16 14.80
N HIS B 206 35.91 12.31 14.58
CA HIS B 206 34.61 12.60 15.18
C HIS B 206 33.60 12.86 14.06
N ILE B 207 32.34 12.51 14.33
CA ILE B 207 31.29 12.76 13.33
C ILE B 207 30.08 13.36 14.01
N TYR B 208 29.34 14.16 13.25
CA TYR B 208 28.00 14.61 13.62
C TYR B 208 27.04 14.28 12.49
N MET B 209 25.83 13.89 12.85
CA MET B 209 24.82 13.64 11.83
C MET B 209 23.46 13.82 12.49
N GLY B 210 22.57 14.57 11.84
CA GLY B 210 21.29 14.83 12.45
C GLY B 210 20.40 15.63 11.52
N SER B 211 19.28 16.10 12.08
CA SER B 211 18.34 16.86 11.29
C SER B 211 18.68 18.34 11.22
N ALA B 212 19.67 18.80 11.97
CA ALA B 212 19.99 20.23 12.01
C ALA B 212 20.95 20.56 10.87
N ASN B 213 20.44 21.28 9.87
CA ASN B 213 21.26 21.79 8.77
C ASN B 213 21.90 23.11 9.18
N MET B 214 22.62 23.73 8.25
CA MET B 214 23.32 24.97 8.56
C MET B 214 22.32 26.12 8.70
N ASP B 215 21.86 26.36 9.92
CA ASP B 215 20.89 27.43 10.17
C ASP B 215 20.89 27.72 11.66
N TRP B 216 20.92 29.00 12.03
CA TRP B 216 20.79 29.34 13.44
C TRP B 216 19.38 29.04 13.94
N ARG B 217 18.39 29.09 13.05
CA ARG B 217 17.06 28.62 13.41
C ARG B 217 17.09 27.15 13.82
N SER B 218 17.97 26.36 13.21
CA SER B 218 18.16 24.99 13.64
C SER B 218 18.91 24.90 14.97
N LEU B 219 19.44 26.00 15.47
CA LEU B 219 20.12 26.02 16.76
C LEU B 219 19.24 26.54 17.89
N THR B 220 18.30 27.44 17.59
CA THR B 220 17.48 28.05 18.62
C THR B 220 16.00 28.17 18.28
N GLN B 221 15.58 27.97 17.02
CA GLN B 221 14.21 28.27 16.67
C GLN B 221 13.55 27.17 15.84
N VAL B 222 14.02 25.94 15.96
CA VAL B 222 13.31 24.78 15.40
C VAL B 222 13.75 23.55 16.19
N LYS B 223 12.81 22.64 16.42
CA LYS B 223 13.13 21.40 17.11
C LYS B 223 14.05 20.57 16.24
N GLU B 224 15.18 20.14 16.79
CA GLU B 224 16.11 19.31 16.04
C GLU B 224 16.59 18.14 16.88
N LEU B 225 16.86 17.02 16.20
CA LEU B 225 17.40 15.83 16.83
C LEU B 225 18.56 15.31 15.98
N GLY B 226 19.60 14.83 16.65
CA GLY B 226 20.74 14.28 15.96
C GLY B 226 21.57 13.41 16.87
N ALA B 227 22.70 12.95 16.33
CA ALA B 227 23.63 12.11 17.08
C ALA B 227 25.06 12.45 16.67
N VAL B 228 25.94 12.44 17.66
CA VAL B 228 27.35 12.77 17.47
C VAL B 228 28.20 11.65 18.09
N ILE B 229 29.31 11.31 17.43
CA ILE B 229 30.16 10.21 17.86
C ILE B 229 31.61 10.68 17.93
N TYR B 230 32.29 10.35 19.02
CA TYR B 230 33.70 10.76 19.19
C TYR B 230 34.57 9.52 19.40
N ASN B 231 35.89 9.70 19.38
CA ASN B 231 36.84 8.58 19.64
C ASN B 231 36.78 7.55 18.52
N CYS B 232 35.62 6.90 18.32
CA CYS B 232 35.51 5.83 17.29
C CYS B 232 36.02 6.37 15.95
N SER B 233 37.34 6.42 15.76
CA SER B 233 37.90 6.95 14.53
C SER B 233 37.80 5.96 13.39
N HIS B 234 37.81 4.67 13.70
CA HIS B 234 37.76 3.65 12.64
C HIS B 234 36.42 3.62 11.95
N LEU B 235 35.36 4.14 12.59
CA LEU B 235 34.06 4.34 11.96
C LEU B 235 33.82 5.78 11.53
N ALA B 236 34.60 6.74 12.03
CA ALA B 236 34.30 8.15 11.76
C ALA B 236 34.37 8.45 10.27
N GLN B 237 35.28 7.82 9.55
CA GLN B 237 35.33 8.02 8.11
C GLN B 237 34.13 7.40 7.39
N ASP B 238 33.31 6.57 8.06
CA ASP B 238 32.31 5.81 7.34
C ASP B 238 31.25 6.67 6.67
N LEU B 239 31.18 7.94 7.07
CA LEU B 239 30.29 8.86 6.32
C LEU B 239 31.17 9.74 5.43
N GLU B 240 32.46 9.83 5.74
CA GLU B 240 33.40 10.65 4.93
C GLU B 240 33.38 10.12 3.50
N LYS B 241 33.37 8.81 3.34
CA LYS B 241 33.43 8.24 1.97
C LYS B 241 32.25 8.79 1.18
N THR B 242 31.07 8.88 1.80
CA THR B 242 29.93 9.52 1.10
C THR B 242 30.29 10.99 0.91
N PHE B 243 30.51 11.70 2.00
CA PHE B 243 30.98 13.07 1.82
C PHE B 243 31.90 13.19 0.61
N GLN B 244 32.79 12.21 0.42
CA GLN B 244 33.72 12.25 -0.70
C GLN B 244 33.03 11.96 -2.02
N THR B 245 31.99 11.12 -2.00
CA THR B 245 31.15 10.97 -3.17
C THR B 245 30.59 12.33 -3.59
N TYR B 246 29.99 13.05 -2.64
CA TYR B 246 29.54 14.40 -2.92
C TYR B 246 30.68 15.27 -3.42
N TRP B 247 31.88 15.09 -2.84
CA TRP B 247 33.03 15.90 -3.20
C TRP B 247 33.41 15.71 -4.67
N VAL B 248 33.45 14.47 -5.14
CA VAL B 248 33.88 14.22 -6.52
C VAL B 248 32.88 14.79 -7.51
N LEU B 249 31.58 14.70 -7.21
CA LEU B 249 30.62 15.42 -8.03
C LEU B 249 30.71 16.91 -7.69
N GLY B 250 30.06 17.73 -8.53
CA GLY B 250 30.09 19.16 -8.37
C GLY B 250 31.22 19.84 -9.11
N VAL B 251 32.18 19.07 -9.63
CA VAL B 251 33.23 19.58 -10.50
C VAL B 251 32.53 20.00 -11.80
N PRO B 252 33.10 20.91 -12.58
CA PRO B 252 32.43 21.26 -13.85
C PRO B 252 32.33 20.04 -14.75
N LYS B 253 31.30 20.04 -15.59
CA LYS B 253 30.95 18.91 -16.47
C LYS B 253 31.07 17.57 -15.77
N ALA B 254 30.56 17.50 -14.54
CA ALA B 254 30.57 16.25 -13.79
C ALA B 254 29.52 15.29 -14.33
N VAL B 255 29.85 14.00 -14.30
CA VAL B 255 28.98 12.94 -14.80
C VAL B 255 28.88 11.86 -13.73
N LEU B 256 27.69 11.27 -13.60
CA LEU B 256 27.48 10.17 -12.65
C LEU B 256 28.37 8.99 -13.03
N PRO B 257 29.21 8.49 -12.13
CA PRO B 257 29.97 7.27 -12.43
C PRO B 257 29.06 6.06 -12.28
N LYS B 258 29.06 5.20 -13.30
CA LYS B 258 28.26 3.99 -13.22
C LYS B 258 28.81 2.99 -12.20
N THR B 259 30.07 3.14 -11.81
CA THR B 259 30.67 2.29 -10.79
C THR B 259 31.68 3.11 -10.02
N TRP B 260 31.51 3.17 -8.70
CA TRP B 260 32.50 3.83 -7.87
C TRP B 260 33.63 2.85 -7.56
N PRO B 261 34.88 3.24 -7.73
CA PRO B 261 35.99 2.33 -7.42
C PRO B 261 36.08 2.00 -5.93
N GLN B 262 37.04 1.15 -5.57
CA GLN B 262 37.16 0.69 -4.19
C GLN B 262 37.43 1.84 -3.22
N ASN B 263 37.85 3.00 -3.72
CA ASN B 263 38.06 4.16 -2.86
C ASN B 263 36.78 4.56 -2.15
N PHE B 264 35.68 4.67 -2.89
CA PHE B 264 34.40 5.04 -2.30
C PHE B 264 33.58 3.85 -1.83
N SER B 265 34.02 2.63 -2.12
CA SER B 265 33.28 1.45 -1.69
C SER B 265 33.25 1.35 -0.18
N SER B 266 32.13 0.87 0.36
CA SER B 266 31.94 0.80 1.80
C SER B 266 31.97 -0.65 2.28
N HIS B 267 32.43 -0.82 3.52
CA HIS B 267 32.49 -2.13 4.17
C HIS B 267 31.63 -2.18 5.43
N PHE B 268 30.80 -1.17 5.66
CA PHE B 268 30.02 -1.04 6.89
C PHE B 268 28.54 -0.87 6.55
N ASN B 269 27.99 -1.87 5.88
CA ASN B 269 26.58 -1.85 5.50
C ASN B 269 25.74 -2.55 6.56
N ARG B 270 24.47 -2.82 6.23
CA ARG B 270 23.55 -3.43 7.18
C ARG B 270 23.96 -4.87 7.52
N PHE B 271 24.59 -5.57 6.58
CA PHE B 271 24.95 -6.96 6.82
C PHE B 271 26.09 -7.08 7.82
N GLN B 272 27.08 -6.18 7.74
CA GLN B 272 28.17 -6.10 8.72
C GLN B 272 28.23 -4.70 9.31
N PRO B 273 27.56 -4.46 10.44
CA PRO B 273 27.66 -3.14 11.10
C PRO B 273 28.93 -3.01 11.93
N PHE B 274 29.07 -1.90 12.64
CA PHE B 274 30.23 -1.66 13.49
C PHE B 274 30.15 -2.51 14.76
N HIS B 275 31.26 -2.56 15.49
CA HIS B 275 31.32 -3.26 16.77
C HIS B 275 32.00 -2.38 17.81
N GLY B 276 31.55 -2.52 19.06
CA GLY B 276 32.15 -1.76 20.16
C GLY B 276 31.17 -1.34 21.23
N PRO B 282 28.55 -0.51 24.27
CA PRO B 282 28.33 -1.86 23.75
C PRO B 282 27.29 -1.90 22.63
N THR B 283 27.49 -1.09 21.60
CA THR B 283 26.52 -0.90 20.53
C THR B 283 27.09 -1.36 19.21
N THR B 284 26.21 -1.51 18.21
CA THR B 284 26.60 -1.76 16.84
C THR B 284 25.79 -0.85 15.93
N ALA B 285 26.43 -0.32 14.89
CA ALA B 285 25.84 0.76 14.13
C ALA B 285 26.32 0.74 12.68
N TYR B 286 25.56 1.40 11.82
CA TYR B 286 26.01 1.61 10.44
C TYR B 286 25.28 2.78 9.81
N PHE B 287 25.86 3.28 8.72
CA PHE B 287 25.35 4.41 7.96
C PHE B 287 24.74 3.93 6.64
N SER B 288 23.93 4.80 6.04
CA SER B 288 23.28 4.52 4.77
C SER B 288 23.16 5.83 3.99
N ALA B 289 23.18 5.72 2.66
CA ALA B 289 23.10 6.88 1.78
C ALA B 289 21.97 6.69 0.79
N SER B 290 21.59 7.80 0.15
CA SER B 290 20.56 7.83 -0.87
C SER B 290 20.81 9.05 -1.75
N PRO B 291 20.43 8.99 -3.04
CA PRO B 291 19.75 7.95 -3.81
C PRO B 291 20.71 6.86 -4.30
N PRO B 292 20.19 5.80 -4.94
CA PRO B 292 21.08 4.73 -5.42
C PRO B 292 22.23 5.21 -6.30
N ALA B 293 22.00 6.22 -7.14
CA ALA B 293 23.06 6.70 -8.01
C ALA B 293 24.25 7.25 -7.22
N LEU B 294 23.99 7.72 -5.99
CA LEU B 294 25.04 8.19 -5.10
C LEU B 294 25.46 7.14 -4.08
N CYS B 295 25.07 5.89 -4.30
CA CYS B 295 25.44 4.80 -3.41
C CYS B 295 26.51 3.93 -4.05
N PRO B 296 27.75 3.96 -3.57
CA PRO B 296 28.78 3.06 -4.12
C PRO B 296 28.54 1.63 -3.65
N GLN B 297 29.36 0.68 -4.12
CA GLN B 297 29.21 -0.69 -3.67
C GLN B 297 29.48 -0.76 -2.17
N GLY B 298 28.71 -1.61 -1.49
CA GLY B 298 28.80 -1.71 -0.05
C GLY B 298 27.99 -0.69 0.70
N ARG B 299 27.28 0.19 0.00
CA ARG B 299 26.46 1.22 0.62
C ARG B 299 25.00 0.77 0.58
N THR B 300 24.41 0.61 1.75
CA THR B 300 22.98 0.35 1.86
C THR B 300 22.20 1.63 1.62
N ARG B 301 21.11 1.53 0.86
CA ARG B 301 20.30 2.70 0.61
C ARG B 301 19.43 3.02 1.82
N ASP B 302 19.17 4.33 2.00
CA ASP B 302 18.39 4.77 3.16
C ASP B 302 17.02 4.11 3.18
N LEU B 303 16.43 3.91 2.01
CA LEU B 303 15.16 3.19 1.91
C LEU B 303 15.29 1.79 2.50
N GLU B 304 16.34 1.06 2.11
CA GLU B 304 16.54 -0.29 2.62
C GLU B 304 16.77 -0.29 4.12
N ALA B 305 17.50 0.71 4.62
CA ALA B 305 17.72 0.80 6.06
C ALA B 305 16.41 1.00 6.80
N LEU B 306 15.56 1.92 6.32
CA LEU B 306 14.27 2.15 6.94
C LEU B 306 13.41 0.89 6.91
N LEU B 307 13.37 0.22 5.75
CA LEU B 307 12.56 -0.99 5.61
C LEU B 307 13.04 -2.07 6.56
N ALA B 308 14.36 -2.25 6.68
CA ALA B 308 14.91 -3.28 7.57
C ALA B 308 14.62 -2.95 9.03
N VAL B 309 14.75 -1.68 9.42
CA VAL B 309 14.48 -1.32 10.81
C VAL B 309 13.02 -1.56 11.14
N MET B 310 12.11 -1.19 10.24
CA MET B 310 10.70 -1.42 10.48
C MET B 310 10.37 -2.92 10.49
N GLY B 311 11.04 -3.70 9.63
CA GLY B 311 10.78 -5.13 9.62
C GLY B 311 11.26 -5.83 10.87
N SER B 312 12.42 -5.41 11.41
CA SER B 312 12.93 -6.03 12.62
C SER B 312 12.13 -5.67 13.86
N ALA B 313 11.33 -4.61 13.80
CA ALA B 313 10.49 -4.22 14.92
C ALA B 313 9.50 -5.33 15.25
N GLN B 314 9.26 -5.57 16.55
CA GLN B 314 8.37 -6.71 16.94
C GLN B 314 7.38 -6.27 18.01
N GLU B 315 7.51 -5.05 18.53
CA GLU B 315 6.60 -4.55 19.58
C GLU B 315 6.20 -3.12 19.26
N PHE B 316 7.15 -2.30 18.78
CA PHE B 316 6.79 -0.87 18.57
C PHE B 316 7.57 -0.23 17.43
N ILE B 317 6.97 0.78 16.78
CA ILE B 317 7.69 1.56 15.73
C ILE B 317 7.41 3.03 16.01
N TYR B 318 8.45 3.78 16.38
CA TYR B 318 8.29 5.23 16.70
C TYR B 318 8.89 6.05 15.57
N ALA B 319 8.08 6.81 14.85
CA ALA B 319 8.47 7.56 13.68
C ALA B 319 8.13 9.02 13.90
N SER B 320 9.11 9.90 13.68
CA SER B 320 8.91 11.34 13.84
C SER B 320 9.59 12.01 12.64
N VAL B 321 8.78 12.46 11.69
CA VAL B 321 9.26 13.17 10.51
C VAL B 321 8.36 14.38 10.28
N MET B 322 8.97 15.46 9.79
CA MET B 322 8.22 16.70 9.60
C MET B 322 7.08 16.50 8.62
N GLU B 323 7.34 15.82 7.50
CA GLU B 323 6.31 15.51 6.53
C GLU B 323 6.39 14.03 6.16
N TYR B 324 5.22 13.46 5.88
CA TYR B 324 5.11 12.05 5.51
C TYR B 324 4.12 11.96 4.35
N PHE B 325 4.63 11.58 3.18
CA PHE B 325 3.82 11.48 1.97
C PHE B 325 4.10 10.12 1.34
N PRO B 326 3.09 9.24 1.22
CA PRO B 326 3.27 7.99 0.47
C PRO B 326 3.13 8.22 -1.03
N THR B 327 3.77 9.29 -1.52
CA THR B 327 3.61 9.77 -2.88
C THR B 327 4.91 10.41 -3.33
N THR B 328 5.07 10.51 -4.65
CA THR B 328 6.19 11.26 -5.21
C THR B 328 5.86 12.74 -5.26
N ARG B 329 6.87 13.56 -4.97
CA ARG B 329 6.71 15.01 -5.00
C ARG B 329 7.66 15.61 -6.03
N PHE B 330 7.19 16.68 -6.67
CA PHE B 330 7.95 17.46 -7.63
C PHE B 330 8.27 16.70 -8.90
N SER B 331 7.51 15.64 -9.17
CA SER B 331 7.61 14.86 -10.40
C SER B 331 6.47 15.23 -11.32
N HIS B 332 6.80 15.45 -12.60
CA HIS B 332 5.79 15.98 -13.53
C HIS B 332 4.53 15.11 -13.58
N PRO B 333 4.61 13.79 -13.77
CA PRO B 333 3.46 12.96 -13.48
C PRO B 333 3.47 12.49 -12.03
N PRO B 334 2.49 12.91 -11.23
CA PRO B 334 2.45 12.43 -9.84
C PRO B 334 2.05 10.97 -9.81
N ARG B 335 2.73 10.21 -8.95
CA ARG B 335 2.51 8.78 -8.82
C ARG B 335 2.43 8.40 -7.35
N TYR B 336 1.67 7.34 -7.08
CA TYR B 336 1.60 6.82 -5.73
C TYR B 336 2.89 6.10 -5.36
N TRP B 337 3.14 5.98 -4.06
CA TRP B 337 4.37 5.37 -3.56
C TRP B 337 4.09 4.73 -2.22
N PRO B 338 3.70 3.46 -2.20
CA PRO B 338 3.21 2.82 -0.96
C PRO B 338 4.23 2.04 -0.15
N VAL B 339 5.48 1.91 -0.60
CA VAL B 339 6.40 0.94 0.01
C VAL B 339 6.57 1.22 1.50
N LEU B 340 6.87 2.48 1.85
CA LEU B 340 6.98 2.83 3.26
C LEU B 340 5.64 2.64 3.98
N ASP B 341 4.56 3.12 3.36
CA ASP B 341 3.23 2.95 3.95
C ASP B 341 2.87 1.48 4.08
N ASN B 342 3.12 0.70 3.02
CA ASN B 342 2.82 -0.73 3.06
C ASN B 342 3.60 -1.43 4.16
N ALA B 343 4.88 -1.09 4.31
CA ALA B 343 5.68 -1.70 5.37
C ALA B 343 5.16 -1.31 6.75
N LEU B 344 4.77 -0.04 6.93
CA LEU B 344 4.17 0.37 8.19
C LEU B 344 2.94 -0.47 8.50
N ARG B 345 2.03 -0.59 7.54
CA ARG B 345 0.79 -1.32 7.78
C ARG B 345 1.05 -2.81 7.96
N ALA B 346 2.03 -3.35 7.24
CA ALA B 346 2.39 -4.76 7.38
C ALA B 346 2.96 -5.04 8.77
N ALA B 347 3.80 -4.15 9.28
CA ALA B 347 4.29 -4.31 10.64
C ALA B 347 3.15 -4.23 11.64
N ALA B 348 2.22 -3.30 11.43
CA ALA B 348 1.11 -3.15 12.37
C ALA B 348 0.21 -4.39 12.37
N PHE B 349 -0.10 -4.94 11.20
CA PHE B 349 -1.06 -6.03 11.09
C PHE B 349 -0.41 -7.40 11.26
N GLY B 350 0.55 -7.76 10.40
CA GLY B 350 1.06 -9.11 10.36
C GLY B 350 1.87 -9.49 11.58
N LYS B 351 2.46 -8.51 12.27
CA LYS B 351 3.25 -8.76 13.47
C LYS B 351 2.67 -8.05 14.68
N GLY B 352 1.48 -7.45 14.54
CA GLY B 352 0.83 -6.81 15.67
C GLY B 352 1.57 -5.64 16.26
N VAL B 353 2.53 -5.07 15.53
CA VAL B 353 3.37 -4.02 16.09
C VAL B 353 2.52 -2.78 16.36
N ARG B 354 2.62 -2.25 17.58
CA ARG B 354 2.00 -0.97 17.86
C ARG B 354 2.86 0.12 17.25
N VAL B 355 2.25 0.95 16.41
CA VAL B 355 2.96 1.99 15.68
C VAL B 355 2.30 3.33 15.98
N ARG B 356 3.10 4.32 16.32
CA ARG B 356 2.64 5.69 16.43
C ARG B 356 3.48 6.57 15.51
N LEU B 357 2.81 7.40 14.74
CA LEU B 357 3.45 8.29 13.77
C LEU B 357 3.17 9.73 14.17
N LEU B 358 4.22 10.51 14.38
CA LEU B 358 4.12 11.90 14.78
C LEU B 358 4.70 12.77 13.67
N VAL B 359 3.86 13.62 13.09
CA VAL B 359 4.31 14.46 11.99
C VAL B 359 4.18 15.93 12.37
N GLY B 360 5.07 16.76 11.83
CA GLY B 360 5.09 18.17 12.17
C GLY B 360 4.13 19.05 11.38
N CYS B 361 3.64 20.09 12.04
CA CYS B 361 2.79 21.10 11.42
C CYS B 361 3.40 22.47 11.69
N GLY B 362 3.75 23.21 10.63
CA GLY B 362 4.45 24.46 10.82
C GLY B 362 4.07 25.65 9.95
N LEU B 363 2.79 25.78 9.60
CA LEU B 363 2.26 26.88 8.78
C LEU B 363 2.69 26.75 7.33
N ASN B 364 3.60 25.83 7.05
CA ASN B 364 4.09 25.61 5.69
C ASN B 364 3.85 24.18 5.21
N THR B 365 3.23 23.34 6.03
CA THR B 365 2.99 21.97 5.64
C THR B 365 1.87 21.92 4.60
N ASP B 366 1.77 20.76 3.93
CA ASP B 366 0.78 20.57 2.89
C ASP B 366 -0.49 20.00 3.52
N PRO B 367 -1.64 20.69 3.43
CA PRO B 367 -2.88 20.11 3.95
C PRO B 367 -3.23 18.78 3.31
N THR B 368 -2.84 18.58 2.05
CA THR B 368 -3.10 17.32 1.36
C THR B 368 -2.47 16.13 2.06
N MET B 369 -1.48 16.37 2.92
CA MET B 369 -0.87 15.29 3.69
C MET B 369 -1.87 14.67 4.67
N PHE B 370 -2.82 15.46 5.17
CA PHE B 370 -3.67 15.00 6.26
C PHE B 370 -4.53 13.77 5.93
N PRO B 371 -5.18 13.66 4.77
CA PRO B 371 -5.97 12.44 4.51
C PRO B 371 -5.18 11.15 4.64
N TYR B 372 -3.95 11.10 4.09
CA TYR B 372 -3.15 9.88 4.17
C TYR B 372 -2.95 9.46 5.62
N LEU B 373 -2.61 10.42 6.48
CA LEU B 373 -2.46 10.13 7.90
C LEU B 373 -3.74 9.54 8.47
N ARG B 374 -4.88 10.16 8.15
CA ARG B 374 -6.16 9.58 8.58
C ARG B 374 -6.30 8.17 8.04
N SER B 375 -5.91 7.96 6.78
CA SER B 375 -5.94 6.64 6.18
C SER B 375 -5.13 5.64 7.00
N LEU B 376 -4.02 6.07 7.58
CA LEU B 376 -3.29 5.20 8.51
C LEU B 376 -4.04 5.06 9.82
N GLN B 377 -4.51 6.17 10.38
CA GLN B 377 -5.15 6.15 11.69
C GLN B 377 -6.39 5.27 11.68
N ALA B 378 -7.10 5.22 10.55
CA ALA B 378 -8.30 4.42 10.44
C ALA B 378 -8.03 2.92 10.61
N LEU B 379 -6.79 2.49 10.41
CA LEU B 379 -6.47 1.07 10.58
C LEU B 379 -6.62 0.58 12.02
N SER B 380 -6.61 1.50 13.00
CA SER B 380 -6.56 1.09 14.39
C SER B 380 -7.76 0.23 14.77
N ASN B 381 -7.47 -0.91 15.40
CA ASN B 381 -8.49 -1.82 15.92
C ASN B 381 -7.88 -2.68 17.03
N PRO B 382 -8.10 -2.32 18.30
CA PRO B 382 -7.51 -3.11 19.40
C PRO B 382 -8.00 -4.55 19.45
N ALA B 383 -9.17 -4.85 18.89
CA ALA B 383 -9.70 -6.21 18.95
C ALA B 383 -8.98 -7.16 18.00
N ALA B 384 -8.23 -6.63 17.03
CA ALA B 384 -7.53 -7.44 16.04
C ALA B 384 -6.02 -7.33 16.16
N ASN B 385 -5.52 -6.85 17.30
CA ASN B 385 -4.09 -6.68 17.58
C ASN B 385 -3.42 -5.74 16.59
N VAL B 386 -4.18 -4.88 15.92
CA VAL B 386 -3.60 -3.86 15.05
C VAL B 386 -3.68 -2.52 15.79
N SER B 387 -2.52 -1.89 15.97
CA SER B 387 -2.42 -0.66 16.73
C SER B 387 -1.70 0.39 15.87
N VAL B 388 -2.48 1.30 15.28
CA VAL B 388 -1.95 2.41 14.50
C VAL B 388 -2.50 3.69 15.10
N ASP B 389 -1.61 4.54 15.62
CA ASP B 389 -2.00 5.83 16.17
C ASP B 389 -1.14 6.91 15.53
N VAL B 390 -1.78 8.03 15.16
CA VAL B 390 -1.09 9.13 14.49
C VAL B 390 -1.43 10.42 15.22
N LYS B 391 -0.43 11.27 15.40
CA LYS B 391 -0.65 12.61 15.91
C LYS B 391 0.22 13.61 15.17
N VAL B 392 -0.15 14.88 15.33
CA VAL B 392 0.54 15.99 14.69
C VAL B 392 1.12 16.89 15.78
N PHE B 393 2.37 17.28 15.57
CA PHE B 393 3.13 18.10 16.49
C PHE B 393 3.04 19.53 15.99
N ILE B 394 2.31 20.37 16.70
CA ILE B 394 2.13 21.77 16.35
C ILE B 394 2.85 22.59 17.41
N VAL B 395 3.81 23.39 16.97
CA VAL B 395 4.58 24.27 17.84
C VAL B 395 4.08 25.70 17.66
N PRO B 396 3.86 26.44 18.74
CA PRO B 396 3.21 27.76 18.60
C PRO B 396 4.19 28.84 18.17
N VAL B 397 3.71 29.72 17.30
CA VAL B 397 4.55 30.81 16.83
C VAL B 397 4.69 31.90 17.89
N GLY B 398 3.67 32.09 18.72
CA GLY B 398 3.74 33.10 19.77
C GLY B 398 4.00 34.47 19.19
N ASN B 399 4.93 35.19 19.82
CA ASN B 399 5.36 36.50 19.36
C ASN B 399 6.57 36.43 18.43
N HIS B 400 6.86 35.25 17.89
CA HIS B 400 8.03 35.03 17.04
C HIS B 400 7.64 34.77 15.59
N SER B 401 6.64 35.49 15.09
CA SER B 401 6.36 35.47 13.66
C SER B 401 7.44 36.18 12.84
N ASN B 402 8.48 36.68 13.52
CA ASN B 402 9.60 37.32 12.83
C ASN B 402 10.31 36.32 11.92
N ILE B 403 10.51 35.10 12.39
CA ILE B 403 11.29 34.10 11.66
C ILE B 403 10.34 33.37 10.72
N PRO B 404 10.54 33.42 9.41
CA PRO B 404 9.56 32.85 8.49
C PRO B 404 9.65 31.33 8.33
N PHE B 405 10.87 30.82 8.13
CA PHE B 405 11.06 29.39 7.89
C PHE B 405 11.51 28.69 9.16
N SER B 406 10.66 28.73 10.17
CA SER B 406 10.94 28.11 11.45
C SER B 406 9.63 27.62 12.03
N ARG B 407 9.66 27.25 13.31
CA ARG B 407 8.48 26.84 14.05
C ARG B 407 7.84 25.62 13.40
N VAL B 408 8.65 24.56 13.43
CA VAL B 408 8.35 23.23 12.90
C VAL B 408 9.12 22.20 13.73
N ASN B 409 8.83 20.93 13.49
CA ASN B 409 9.57 19.81 14.07
C ASN B 409 10.44 19.19 12.98
N HIS B 410 11.63 19.74 12.79
CA HIS B 410 12.51 19.28 11.72
C HIS B 410 13.13 17.92 11.99
N SER B 411 12.98 17.39 13.21
CA SER B 411 13.60 16.11 13.55
C SER B 411 13.01 14.98 12.72
N LYS B 412 13.87 14.06 12.31
CA LYS B 412 13.48 12.85 11.60
C LYS B 412 14.17 11.67 12.26
N PHE B 413 13.40 10.75 12.83
CA PHE B 413 13.97 9.57 13.45
C PHE B 413 12.92 8.47 13.55
N MET B 414 13.39 7.29 13.93
CA MET B 414 12.55 6.13 14.20
C MET B 414 13.29 5.26 15.20
N VAL B 415 12.55 4.58 16.06
CA VAL B 415 13.14 3.63 16.99
C VAL B 415 12.24 2.41 17.14
N THR B 416 12.87 1.24 17.11
CA THR B 416 12.24 -0.02 17.48
C THR B 416 12.99 -0.58 18.68
N GLU B 417 12.37 -1.52 19.38
CA GLU B 417 12.96 -2.07 20.60
C GLU B 417 14.35 -2.64 20.37
N LYS B 418 14.76 -2.86 19.12
CA LYS B 418 16.10 -3.31 18.76
C LYS B 418 17.02 -2.15 18.41
N ALA B 419 16.57 -1.24 17.55
CA ALA B 419 17.46 -0.29 16.90
C ALA B 419 16.90 1.13 16.99
N ALA B 420 17.78 2.07 16.67
CA ALA B 420 17.46 3.49 16.61
C ALA B 420 18.01 4.03 15.31
N TYR B 421 17.13 4.46 14.43
CA TYR B 421 17.49 5.12 13.19
C TYR B 421 17.29 6.61 13.34
N ILE B 422 18.29 7.38 12.92
CA ILE B 422 18.23 8.81 12.79
C ILE B 422 18.50 9.13 11.33
N GLY B 423 17.73 10.07 10.77
CA GLY B 423 17.85 10.37 9.36
C GLY B 423 17.82 11.87 9.12
N THR B 424 18.24 12.23 7.90
CA THR B 424 18.21 13.60 7.43
C THR B 424 17.08 13.85 6.44
N SER B 425 16.44 12.81 5.94
CA SER B 425 15.43 12.91 4.90
C SER B 425 14.04 12.64 5.47
N ASN B 426 13.05 13.34 4.92
CA ASN B 426 11.66 13.05 5.23
C ASN B 426 11.22 11.81 4.47
N TRP B 427 9.95 11.42 4.64
CA TRP B 427 9.45 10.16 4.09
C TRP B 427 8.60 10.45 2.86
N SER B 428 9.29 10.59 1.73
CA SER B 428 8.64 10.75 0.43
C SER B 428 9.58 10.21 -0.64
N GLU B 429 9.04 10.03 -1.86
CA GLU B 429 9.75 9.32 -2.90
C GLU B 429 11.07 9.99 -3.26
N ASP B 430 11.08 11.32 -3.30
CA ASP B 430 12.25 12.05 -3.80
C ASP B 430 13.50 11.68 -3.01
N TYR B 431 13.41 11.67 -1.69
CA TYR B 431 14.56 11.38 -0.83
C TYR B 431 15.14 10.00 -1.08
N PHE B 432 14.45 9.14 -1.83
CA PHE B 432 14.95 7.81 -2.13
C PHE B 432 15.08 7.56 -3.62
N SER B 433 14.87 8.58 -4.45
CA SER B 433 15.08 8.41 -5.89
C SER B 433 15.91 9.54 -6.49
N SER B 434 15.80 10.73 -5.92
CA SER B 434 16.41 11.89 -6.58
C SER B 434 17.34 12.69 -5.66
N THR B 435 16.98 12.87 -4.39
CA THR B 435 17.68 13.79 -3.52
C THR B 435 18.60 13.05 -2.56
N ALA B 436 19.79 13.62 -2.35
CA ALA B 436 20.77 13.01 -1.46
C ALA B 436 20.31 13.07 -0.01
N GLY B 437 20.56 11.97 0.71
CA GLY B 437 20.27 11.91 2.14
C GLY B 437 21.12 10.82 2.76
N VAL B 438 21.26 10.89 4.08
CA VAL B 438 21.99 9.88 4.84
C VAL B 438 21.20 9.50 6.07
N GLY B 439 21.55 8.34 6.62
CA GLY B 439 20.86 7.81 7.78
C GLY B 439 21.72 6.89 8.62
N LEU B 440 21.75 7.11 9.92
CA LEU B 440 22.48 6.26 10.86
C LEU B 440 21.50 5.36 11.58
N VAL B 441 21.91 4.13 11.87
CA VAL B 441 21.12 3.26 12.74
C VAL B 441 22.07 2.55 13.70
N VAL B 442 21.75 2.61 14.98
CA VAL B 442 22.59 2.11 16.06
C VAL B 442 21.75 1.24 16.99
N THR B 443 22.43 0.37 17.73
CA THR B 443 21.80 -0.48 18.74
C THR B 443 22.75 -0.68 19.91
N THR B 454 20.99 0.96 25.46
CA THR B 454 20.19 1.93 26.20
C THR B 454 19.83 3.13 25.32
N VAL B 455 20.62 3.36 24.27
CA VAL B 455 20.38 4.50 23.39
C VAL B 455 19.01 4.38 22.73
N GLN B 456 18.60 3.15 22.40
CA GLN B 456 17.25 2.92 21.90
C GLN B 456 16.23 3.36 22.94
N GLU B 457 16.48 3.06 24.22
CA GLU B 457 15.59 3.52 25.28
C GLU B 457 15.67 5.04 25.47
N GLN B 458 16.84 5.63 25.27
CA GLN B 458 16.95 7.08 25.35
C GLN B 458 16.05 7.76 24.32
N LEU B 459 16.14 7.32 23.06
CA LEU B 459 15.26 7.86 22.03
C LEU B 459 13.81 7.46 22.29
N ARG B 460 13.59 6.29 22.89
CA ARG B 460 12.27 5.88 23.34
C ARG B 460 11.64 6.97 24.20
N GLN B 461 12.36 7.40 25.24
CA GLN B 461 11.81 8.39 26.16
C GLN B 461 11.76 9.78 25.52
N LEU B 462 12.67 10.08 24.60
CA LEU B 462 12.58 11.34 23.86
C LEU B 462 11.28 11.40 23.07
N PHE B 463 10.98 10.35 22.30
CA PHE B 463 9.75 10.31 21.54
C PHE B 463 8.54 10.34 22.45
N GLU B 464 8.57 9.62 23.58
CA GLU B 464 7.43 9.63 24.48
C GLU B 464 7.17 11.02 25.05
N ARG B 465 8.22 11.74 25.44
CA ARG B 465 8.06 13.12 25.85
C ARG B 465 7.54 13.99 24.72
N ASP B 466 7.92 13.68 23.48
CA ASP B 466 7.45 14.47 22.34
C ASP B 466 6.06 14.04 21.87
N TRP B 467 5.50 12.99 22.47
CA TRP B 467 4.26 12.37 22.02
C TRP B 467 3.12 12.60 23.01
N SER B 468 3.33 12.26 24.28
CA SER B 468 2.33 12.58 25.29
C SER B 468 2.28 14.06 25.62
N SER B 469 2.98 14.90 24.87
CA SER B 469 3.05 16.32 25.17
C SER B 469 1.74 16.99 24.78
N ARG B 470 1.57 18.23 25.24
CA ARG B 470 0.38 19.00 24.91
C ARG B 470 0.41 19.52 23.48
N TYR B 471 1.59 19.62 22.87
CA TYR B 471 1.68 20.12 21.50
C TYR B 471 1.41 19.04 20.47
N ALA B 472 1.24 17.79 20.89
CA ALA B 472 0.89 16.70 19.99
C ALA B 472 -0.61 16.47 20.13
N VAL B 473 -1.32 16.56 19.01
CA VAL B 473 -2.78 16.47 19.01
C VAL B 473 -3.22 15.47 17.96
N GLY B 474 -4.36 14.83 18.23
CA GLY B 474 -4.93 13.86 17.32
C GLY B 474 -5.52 14.52 16.09
N LEU B 475 -5.91 13.68 15.13
CA LEU B 475 -6.36 14.16 13.83
C LEU B 475 -7.64 14.98 13.94
N ASP B 476 -8.54 14.65 14.86
CA ASP B 476 -9.81 15.33 14.99
C ASP B 476 -9.75 16.58 15.86
N GLY B 477 -8.60 16.88 16.47
CA GLY B 477 -8.46 18.07 17.28
C GLY B 477 -8.23 19.32 16.44
N GLN B 478 -9.28 19.82 15.79
CA GLN B 478 -9.13 20.99 14.93
C GLN B 478 -8.64 22.20 15.72
N ALA B 479 -9.21 22.45 16.90
CA ALA B 479 -8.69 23.45 17.82
C ALA B 479 -8.52 24.83 17.20
N PRO B 480 -9.58 25.67 17.20
CA PRO B 480 -9.48 26.96 16.51
C PRO B 480 -8.26 27.77 16.88
N GLY B 481 -7.73 27.57 18.10
CA GLY B 481 -6.57 28.32 18.54
C GLY B 481 -5.25 27.72 18.10
N GLN B 482 -5.27 26.47 17.61
CA GLN B 482 -4.04 25.87 17.12
C GLN B 482 -3.61 26.54 15.82
N ASP B 483 -2.32 26.43 15.52
CA ASP B 483 -1.73 27.20 14.42
C ASP B 483 -1.07 26.30 13.38
N CYS B 484 -1.84 25.41 12.76
CA CYS B 484 -1.39 24.75 11.54
C CYS B 484 -2.53 24.76 10.53
N VAL B 485 -2.16 24.51 9.27
CA VAL B 485 -3.14 24.42 8.19
C VAL B 485 -3.54 22.95 8.04
N TRP B 486 -4.84 22.69 8.11
CA TRP B 486 -5.36 21.33 8.00
C TRP B 486 -6.18 21.10 6.74
N GLN B 487 -6.73 22.15 6.15
CA GLN B 487 -7.52 22.02 4.92
C GLN B 487 -7.11 23.08 3.91
#